data_8CMD
#
_entry.id   8CMD
#
_cell.length_a   113.023
_cell.length_b   156.120
_cell.length_c   164.852
_cell.angle_alpha   90.000
_cell.angle_beta   90.000
_cell.angle_gamma   90.000
#
_symmetry.space_group_name_H-M   'C 2 2 21'
#
loop_
_entity.id
_entity.type
_entity.pdbx_description
1 polymer 'HLA class II histocompatibility antigen, DR alpha chain'
2 polymer 'Human leukocyte antigen DR beta chain allotype DR1 (DRB1*0101)'
3 polymer "Spike protein S2'"
4 non-polymer 1,2-ETHANEDIOL
5 water water
#
loop_
_entity_poly.entity_id
_entity_poly.type
_entity_poly.pdbx_seq_one_letter_code
_entity_poly.pdbx_strand_id
1 'polypeptide(L)'
;MIKEEHVIIQAEFYLNPDQSGEFMFDFDGDEIFHVDMAKKETVWRLEEFGRFASFEAQGALANIAVDKANLEIMTKRSNY
TPITNVPPEVTVLTNSPVELREPNVLICFIDKFTPPVVNVTWLRNGKPVTTGVSETVFLPREDHLFRKFHYLPFLPSTED
VYDCRVEHWGLDEPLLKHWEFDA
;
A,D,G
2 'polypeptide(L)'
;MGSMGDTRPRFLWQLKFECHFFNGTERVRLLERCIYNQEESVRFDSDVGEYRAVTELGRPDAEYWNSQKDLLEQRRAAVD
TYCRHNYGVGESFTVQRRVEPKVTVYPSKTQPLQHHNLLVCSVSGFYPGSIEVRWFRNGQEEKAGVVSTGLIQNGDWTFQ
TLVMLETVPRSGEVYTCQVEHPSVTSPLTVEWRA
;
B,E,H
3 'polypeptide(L)' TQLNRALTGIAVEQD C,F,I
#
loop_
_chem_comp.id
_chem_comp.type
_chem_comp.name
_chem_comp.formula
EDO non-polymer 1,2-ETHANEDIOL 'C2 H6 O2'
#
# COMPACT_ATOMS: atom_id res chain seq x y z
N MET A 1 -20.65 -2.32 22.99
CA MET A 1 -19.67 -1.74 23.91
C MET A 1 -20.36 -1.25 25.17
N ILE A 2 -19.93 -0.08 25.67
CA ILE A 2 -20.60 0.58 26.78
C ILE A 2 -22.07 0.77 26.42
N LYS A 3 -22.97 0.26 27.27
CA LYS A 3 -24.39 0.26 26.92
C LYS A 3 -24.95 1.67 26.78
N GLU A 4 -24.41 2.62 27.52
CA GLU A 4 -24.83 4.01 27.43
C GLU A 4 -24.08 4.79 26.34
N GLU A 5 -23.22 4.12 25.57
CA GLU A 5 -22.44 4.79 24.53
C GLU A 5 -22.99 4.46 23.14
N HIS A 6 -22.98 5.47 22.27
CA HIS A 6 -23.31 5.34 20.86
C HIS A 6 -22.32 6.18 20.08
N VAL A 7 -21.96 5.71 18.89
CA VAL A 7 -20.91 6.35 18.08
C VAL A 7 -21.41 6.60 16.67
N ILE A 8 -21.27 7.83 16.20
CA ILE A 8 -21.50 8.18 14.80
C ILE A 8 -20.16 8.58 14.19
N ILE A 9 -19.78 7.92 13.09
CA ILE A 9 -18.51 8.17 12.41
C ILE A 9 -18.80 8.69 11.02
N GLN A 10 -18.15 9.79 10.65
CA GLN A 10 -18.13 10.27 9.27
C GLN A 10 -16.80 9.82 8.69
N ALA A 11 -16.84 8.88 7.74
CA ALA A 11 -15.62 8.28 7.21
C ALA A 11 -15.46 8.63 5.74
N GLU A 12 -14.30 9.17 5.40
CA GLU A 12 -13.93 9.50 4.04
C GLU A 12 -12.60 8.88 3.74
N PHE A 13 -12.39 8.50 2.47
CA PHE A 13 -11.06 8.10 2.06
C PHE A 13 -10.84 8.44 0.59
N TYR A 14 -9.58 8.67 0.23
CA TYR A 14 -9.16 8.78 -1.15
C TYR A 14 -7.98 7.84 -1.36
N LEU A 15 -8.01 7.11 -2.47
CA LEU A 15 -7.02 6.08 -2.75
C LEU A 15 -6.42 6.33 -4.13
N ASN A 16 -5.09 6.44 -4.18
CA ASN A 16 -4.24 6.54 -5.35
C ASN A 16 -3.43 5.26 -5.49
N PRO A 17 -3.11 4.84 -6.72
CA PRO A 17 -3.36 5.54 -7.99
C PRO A 17 -4.74 5.24 -8.56
N ASP A 18 -5.58 4.53 -7.83
CA ASP A 18 -6.88 4.18 -8.35
C ASP A 18 -7.80 5.39 -8.51
N GLN A 19 -7.48 6.51 -7.85
CA GLN A 19 -8.33 7.70 -7.84
C GLN A 19 -9.75 7.32 -7.45
N SER A 20 -9.86 6.63 -6.31
CA SER A 20 -11.14 6.17 -5.80
C SER A 20 -11.45 6.92 -4.52
N GLY A 21 -12.65 7.48 -4.43
CA GLY A 21 -13.03 8.20 -3.23
C GLY A 21 -14.23 7.58 -2.57
N GLU A 22 -14.43 7.89 -1.29
CA GLU A 22 -15.63 7.40 -0.62
C GLU A 22 -15.97 8.32 0.55
N PHE A 23 -17.27 8.56 0.72
CA PHE A 23 -17.81 9.41 1.77
C PHE A 23 -19.03 8.71 2.34
N MET A 24 -19.01 8.42 3.64
CA MET A 24 -20.12 7.69 4.24
C MET A 24 -20.29 8.05 5.72
N PHE A 25 -21.46 7.71 6.25
CA PHE A 25 -21.75 7.82 7.67
C PHE A 25 -22.07 6.45 8.25
N ASP A 26 -21.65 6.23 9.50
CA ASP A 26 -21.72 4.94 10.17
C ASP A 26 -22.26 5.14 11.58
N PHE A 27 -23.17 4.25 11.99
CA PHE A 27 -23.72 4.25 13.35
C PHE A 27 -23.55 2.87 13.95
N ASP A 28 -22.73 2.77 14.99
CA ASP A 28 -22.51 1.52 15.73
C ASP A 28 -22.20 0.36 14.79
N GLY A 29 -21.47 0.66 13.71
CA GLY A 29 -21.00 -0.35 12.80
C GLY A 29 -21.81 -0.52 11.54
N ASP A 30 -22.97 0.11 11.45
CA ASP A 30 -23.83 0.00 10.28
C ASP A 30 -23.81 1.30 9.49
N GLU A 31 -23.83 1.18 8.17
CA GLU A 31 -23.81 2.34 7.30
C GLU A 31 -25.18 3.04 7.31
N ILE A 32 -25.18 4.35 7.55
CA ILE A 32 -26.41 5.12 7.39
C ILE A 32 -26.61 5.51 5.94
N PHE A 33 -25.57 6.07 5.32
CA PHE A 33 -25.65 6.46 3.92
C PHE A 33 -24.23 6.65 3.40
N HIS A 34 -24.14 6.72 2.07
CA HIS A 34 -22.90 7.10 1.41
C HIS A 34 -23.23 7.96 0.20
N VAL A 35 -22.24 8.71 -0.27
CA VAL A 35 -22.41 9.52 -1.46
C VAL A 35 -21.77 8.76 -2.61
N ASP A 36 -22.57 8.50 -3.64
CA ASP A 36 -22.11 7.86 -4.87
C ASP A 36 -21.44 8.90 -5.74
N MET A 37 -20.14 8.76 -5.98
CA MET A 37 -19.45 9.78 -6.78
C MET A 37 -20.01 9.83 -8.19
N ALA A 38 -20.41 8.68 -8.74
CA ALA A 38 -21.21 8.64 -9.95
C ALA A 38 -22.65 8.94 -9.60
N LYS A 39 -23.39 9.50 -10.56
CA LYS A 39 -24.78 9.93 -10.34
C LYS A 39 -24.86 11.09 -9.34
N LYS A 40 -23.85 11.23 -8.47
CA LYS A 40 -23.68 12.40 -7.61
C LYS A 40 -24.83 12.53 -6.60
N GLU A 41 -25.26 11.41 -6.03
CA GLU A 41 -26.44 11.38 -5.19
C GLU A 41 -26.17 10.70 -3.86
N THR A 42 -26.94 11.11 -2.85
CA THR A 42 -26.91 10.49 -1.53
C THR A 42 -27.72 9.20 -1.56
N VAL A 43 -27.12 8.11 -1.12
CA VAL A 43 -27.76 6.80 -1.11
C VAL A 43 -27.90 6.36 0.34
N TRP A 44 -29.15 6.22 0.79
CA TRP A 44 -29.46 5.81 2.16
C TRP A 44 -29.50 4.29 2.24
N ARG A 45 -28.87 3.74 3.28
CA ARG A 45 -28.75 2.29 3.39
C ARG A 45 -30.12 1.63 3.50
N LEU A 46 -30.99 2.17 4.35
CA LEU A 46 -32.39 1.77 4.38
C LEU A 46 -33.28 2.91 3.91
N GLU A 47 -34.42 2.56 3.34
CA GLU A 47 -35.27 3.56 2.71
C GLU A 47 -35.88 4.51 3.74
N GLU A 48 -36.24 4.01 4.92
CA GLU A 48 -36.83 4.85 5.93
C GLU A 48 -35.90 5.97 6.37
N PHE A 49 -34.58 5.76 6.26
CA PHE A 49 -33.65 6.80 6.68
C PHE A 49 -33.83 8.06 5.85
N GLY A 50 -34.11 7.90 4.56
CA GLY A 50 -34.32 9.01 3.66
C GLY A 50 -35.60 9.78 3.88
N ARG A 51 -36.52 9.24 4.69
CA ARG A 51 -37.78 9.90 4.97
C ARG A 51 -37.73 10.80 6.21
N PHE A 52 -36.67 10.69 7.04
CA PHE A 52 -36.45 11.60 8.14
C PHE A 52 -35.21 12.47 8.01
N ALA A 53 -34.28 12.13 7.12
CA ALA A 53 -33.03 12.87 7.04
C ALA A 53 -32.66 13.07 5.58
N SER A 54 -31.83 14.09 5.33
CA SER A 54 -31.38 14.40 3.98
C SER A 54 -29.95 14.89 4.04
N PHE A 55 -29.27 14.83 2.89
CA PHE A 55 -27.91 15.31 2.81
C PHE A 55 -27.60 15.68 1.36
N GLU A 56 -27.06 16.88 1.14
CA GLU A 56 -26.71 17.33 -0.20
C GLU A 56 -25.35 16.76 -0.58
N ALA A 57 -25.34 15.90 -1.60
CA ALA A 57 -24.14 15.17 -1.96
C ALA A 57 -23.03 16.08 -2.46
N GLN A 58 -23.37 17.22 -3.06
CA GLN A 58 -22.35 18.09 -3.63
C GLN A 58 -21.31 18.51 -2.59
N GLY A 59 -21.76 18.82 -1.36
CA GLY A 59 -20.83 19.17 -0.31
C GLY A 59 -19.81 18.07 -0.05
N ALA A 60 -20.25 16.82 -0.09
CA ALA A 60 -19.33 15.70 0.10
C ALA A 60 -18.23 15.72 -0.96
N LEU A 61 -18.60 16.08 -2.20
CA LEU A 61 -17.60 16.20 -3.25
C LEU A 61 -16.47 17.12 -2.82
N ALA A 62 -16.82 18.28 -2.24
CA ALA A 62 -15.78 19.19 -1.77
C ALA A 62 -14.81 18.48 -0.84
N ASN A 63 -15.35 17.71 0.11
CA ASN A 63 -14.50 16.99 1.05
C ASN A 63 -13.55 16.06 0.32
N ILE A 64 -14.07 15.29 -0.65
CA ILE A 64 -13.21 14.37 -1.37
C ILE A 64 -12.07 15.13 -2.04
N ALA A 65 -12.38 16.31 -2.58
CA ALA A 65 -11.34 17.13 -3.18
C ALA A 65 -10.23 17.41 -2.19
N VAL A 66 -10.59 17.92 -1.01
CA VAL A 66 -9.58 18.19 0.02
C VAL A 66 -8.78 16.93 0.28
N ASP A 67 -9.48 15.80 0.42
CA ASP A 67 -8.80 14.54 0.73
C ASP A 67 -7.78 14.22 -0.34
N LYS A 68 -8.20 14.31 -1.60
CA LYS A 68 -7.28 14.07 -2.71
C LYS A 68 -6.05 14.94 -2.56
N ALA A 69 -6.27 16.26 -2.42
CA ALA A 69 -5.14 17.17 -2.31
C ALA A 69 -4.27 16.81 -1.12
N ASN A 70 -4.89 16.45 0.01
CA ASN A 70 -4.10 16.10 1.18
C ASN A 70 -3.31 14.83 0.95
N LEU A 71 -3.93 13.82 0.31
CA LEU A 71 -3.22 12.57 0.07
C LEU A 71 -1.95 12.81 -0.73
N GLU A 72 -2.08 13.55 -1.84
CA GLU A 72 -0.93 13.80 -2.70
C GLU A 72 0.16 14.56 -1.96
N ILE A 73 -0.20 15.33 -0.93
CA ILE A 73 0.84 15.97 -0.12
C ILE A 73 1.47 14.94 0.82
N MET A 74 0.63 14.19 1.55
CA MET A 74 1.18 13.27 2.53
C MET A 74 2.04 12.21 1.86
N THR A 75 1.61 11.73 0.69
CA THR A 75 2.40 10.79 -0.07
C THR A 75 3.81 11.34 -0.30
N LYS A 76 3.91 12.60 -0.71
CA LYS A 76 5.23 13.20 -0.89
C LYS A 76 5.96 13.31 0.45
N ARG A 77 5.26 13.73 1.50
CA ARG A 77 5.91 13.94 2.78
C ARG A 77 6.43 12.64 3.40
N SER A 78 5.84 11.51 3.03
CA SER A 78 6.27 10.21 3.55
C SER A 78 7.42 9.60 2.75
N ASN A 79 8.00 10.36 1.80
CA ASN A 79 8.99 9.82 0.87
C ASN A 79 8.41 8.66 0.07
N TYR A 80 7.14 8.81 -0.31
CA TYR A 80 6.44 7.86 -1.17
C TYR A 80 6.41 6.47 -0.55
N THR A 81 6.03 6.41 0.74
CA THR A 81 5.87 5.12 1.41
C THR A 81 4.52 4.51 1.05
N PRO A 82 4.49 3.32 0.46
CA PRO A 82 3.22 2.72 0.04
C PRO A 82 2.54 2.01 1.20
N ILE A 83 1.27 1.65 0.95
CA ILE A 83 0.47 0.91 1.93
C ILE A 83 0.85 -0.56 1.87
N THR A 84 0.78 -1.23 3.02
CA THR A 84 1.01 -2.67 3.11
C THR A 84 -0.32 -3.40 2.88
N ASN A 85 -0.35 -4.27 1.88
CA ASN A 85 -1.55 -5.04 1.60
C ASN A 85 -1.85 -5.99 2.76
N VAL A 86 -3.05 -5.88 3.31
CA VAL A 86 -3.52 -6.77 4.36
C VAL A 86 -4.65 -7.63 3.76
N PRO A 87 -4.46 -8.94 3.63
CA PRO A 87 -5.45 -9.75 2.92
C PRO A 87 -6.73 -9.88 3.72
N PRO A 88 -7.88 -10.03 3.06
CA PRO A 88 -9.15 -10.14 3.77
C PRO A 88 -9.48 -11.54 4.26
N GLU A 89 -10.28 -11.58 5.31
CA GLU A 89 -10.98 -12.79 5.75
C GLU A 89 -12.34 -12.82 5.07
N VAL A 90 -12.72 -13.97 4.53
CA VAL A 90 -13.98 -14.11 3.81
C VAL A 90 -14.85 -15.15 4.51
N THR A 91 -16.12 -14.81 4.70
CA THR A 91 -17.10 -15.72 5.28
C THR A 91 -18.38 -15.71 4.46
N VAL A 92 -19.01 -16.88 4.31
CA VAL A 92 -20.28 -16.99 3.60
C VAL A 92 -21.32 -17.52 4.59
N LEU A 93 -22.41 -16.78 4.71
CA LEU A 93 -23.52 -17.15 5.59
C LEU A 93 -24.82 -16.99 4.83
N THR A 94 -25.92 -17.37 5.47
CA THR A 94 -27.24 -17.08 4.93
C THR A 94 -27.92 -16.09 5.85
N ASN A 95 -28.85 -15.33 5.27
CA ASN A 95 -29.55 -14.27 6.00
C ASN A 95 -30.47 -14.85 7.07
N SER A 96 -31.10 -15.99 6.80
CA SER A 96 -32.03 -16.62 7.73
C SER A 96 -31.89 -18.14 7.62
N PRO A 97 -32.49 -18.92 8.53
CA PRO A 97 -32.44 -20.38 8.38
C PRO A 97 -32.96 -20.82 7.01
N VAL A 98 -32.23 -21.74 6.40
CA VAL A 98 -32.51 -22.16 5.04
C VAL A 98 -33.73 -23.08 5.03
N GLU A 99 -34.71 -22.75 4.20
CA GLU A 99 -35.84 -23.63 3.92
C GLU A 99 -35.85 -23.88 2.43
N LEU A 100 -35.82 -25.15 2.03
CA LEU A 100 -35.76 -25.49 0.61
C LEU A 100 -36.92 -24.86 -0.15
N ARG A 101 -36.60 -24.26 -1.29
CA ARG A 101 -37.53 -23.64 -2.22
C ARG A 101 -38.17 -22.35 -1.68
N GLU A 102 -37.68 -21.81 -0.56
CA GLU A 102 -38.15 -20.52 -0.06
C GLU A 102 -37.04 -19.48 -0.15
N PRO A 103 -37.33 -18.31 -0.72
CA PRO A 103 -36.27 -17.33 -1.02
C PRO A 103 -35.43 -16.96 0.19
N ASN A 104 -34.12 -16.80 -0.04
CA ASN A 104 -33.16 -16.50 1.02
C ASN A 104 -32.06 -15.63 0.40
N VAL A 105 -31.04 -15.31 1.19
CA VAL A 105 -29.95 -14.46 0.74
C VAL A 105 -28.62 -15.03 1.23
N LEU A 106 -27.66 -15.16 0.32
CA LEU A 106 -26.28 -15.48 0.68
C LEU A 106 -25.52 -14.19 0.96
N ILE A 107 -24.81 -14.16 2.08
CA ILE A 107 -24.01 -13.02 2.51
C ILE A 107 -22.54 -13.41 2.42
N CYS A 108 -21.77 -12.64 1.65
CA CYS A 108 -20.31 -12.75 1.61
C CYS A 108 -19.73 -11.58 2.41
N PHE A 109 -19.19 -11.88 3.58
CA PHE A 109 -18.60 -10.89 4.47
C PHE A 109 -17.09 -10.89 4.30
N ILE A 110 -16.55 -9.76 3.85
CA ILE A 110 -15.12 -9.57 3.62
C ILE A 110 -14.63 -8.61 4.70
N ASP A 111 -13.61 -9.02 5.46
CA ASP A 111 -13.28 -8.30 6.67
C ASP A 111 -11.76 -8.14 6.82
N LYS A 112 -11.37 -7.05 7.50
CA LYS A 112 -10.01 -6.84 7.97
C LYS A 112 -9.01 -6.78 6.80
N PHE A 113 -9.25 -5.85 5.89
CA PHE A 113 -8.37 -5.74 4.74
C PHE A 113 -8.13 -4.29 4.39
N THR A 114 -7.03 -4.07 3.67
CA THR A 114 -6.65 -2.77 3.15
C THR A 114 -5.59 -3.01 2.08
N PRO A 115 -5.53 -2.20 1.01
CA PRO A 115 -6.34 -1.02 0.70
C PRO A 115 -7.78 -1.39 0.32
N PRO A 116 -8.69 -0.41 0.30
CA PRO A 116 -10.11 -0.70 -0.01
C PRO A 116 -10.35 -0.92 -1.50
N VAL A 117 -9.79 -1.99 -2.04
CA VAL A 117 -10.09 -2.46 -3.39
C VAL A 117 -10.25 -3.97 -3.33
N VAL A 118 -11.35 -4.48 -3.86
CA VAL A 118 -11.61 -5.91 -3.83
C VAL A 118 -12.49 -6.26 -5.01
N ASN A 119 -12.26 -7.42 -5.58
CA ASN A 119 -13.05 -7.93 -6.71
C ASN A 119 -13.83 -9.15 -6.24
N VAL A 120 -15.16 -9.06 -6.26
CA VAL A 120 -16.04 -10.09 -5.73
C VAL A 120 -16.88 -10.65 -6.86
N THR A 121 -16.99 -11.97 -6.92
CA THR A 121 -17.78 -12.68 -7.93
C THR A 121 -18.60 -13.75 -7.23
N TRP A 122 -19.89 -13.82 -7.53
CA TRP A 122 -20.70 -14.95 -7.10
C TRP A 122 -20.71 -16.01 -8.19
N LEU A 123 -20.60 -17.28 -7.79
CA LEU A 123 -20.59 -18.39 -8.74
C LEU A 123 -21.60 -19.44 -8.29
N ARG A 124 -22.58 -19.73 -9.13
CA ARG A 124 -23.52 -20.82 -8.88
C ARG A 124 -23.14 -21.98 -9.78
N ASN A 125 -22.78 -23.12 -9.19
CA ASN A 125 -22.37 -24.30 -9.93
C ASN A 125 -21.21 -24.00 -10.87
N GLY A 126 -20.27 -23.18 -10.42
CA GLY A 126 -19.11 -22.81 -11.21
C GLY A 126 -19.31 -21.71 -12.23
N LYS A 127 -20.55 -21.21 -12.41
CA LYS A 127 -20.83 -20.15 -13.39
C LYS A 127 -21.15 -18.84 -12.69
N PRO A 128 -20.67 -17.70 -13.21
CA PRO A 128 -20.93 -16.43 -12.52
C PRO A 128 -22.41 -16.07 -12.59
N VAL A 129 -22.97 -15.75 -11.44
CA VAL A 129 -24.36 -15.29 -11.31
C VAL A 129 -24.33 -13.82 -10.88
N THR A 130 -25.09 -12.98 -11.59
CA THR A 130 -25.06 -11.54 -11.39
C THR A 130 -26.42 -10.88 -11.19
N THR A 131 -27.51 -11.64 -11.14
CA THR A 131 -28.84 -11.05 -11.12
C THR A 131 -29.35 -10.98 -9.68
N GLY A 132 -29.84 -9.79 -9.31
CA GLY A 132 -30.28 -9.55 -7.95
C GLY A 132 -29.17 -9.23 -6.97
N VAL A 133 -27.93 -9.08 -7.43
CA VAL A 133 -26.80 -8.95 -6.51
C VAL A 133 -26.72 -7.51 -6.01
N SER A 134 -26.32 -7.37 -4.74
CA SER A 134 -26.10 -6.06 -4.15
C SER A 134 -24.79 -6.07 -3.37
N GLU A 135 -24.36 -4.88 -2.98
CA GLU A 135 -23.15 -4.75 -2.19
C GLU A 135 -23.18 -3.43 -1.45
N THR A 136 -22.54 -3.41 -0.29
CA THR A 136 -22.33 -2.18 0.43
C THR A 136 -21.04 -1.53 -0.05
N VAL A 137 -20.77 -0.32 0.44
CA VAL A 137 -19.49 0.32 0.20
C VAL A 137 -18.51 -0.23 1.24
N PHE A 138 -17.28 0.28 1.24
CA PHE A 138 -16.30 -0.17 2.20
C PHE A 138 -16.60 0.41 3.58
N LEU A 139 -16.67 -0.47 4.58
CA LEU A 139 -17.07 0.09 5.86
C LEU A 139 -15.84 0.31 6.73
N PRO A 140 -15.79 1.42 7.48
CA PRO A 140 -14.60 1.71 8.27
C PRO A 140 -14.49 0.83 9.50
N ARG A 141 -13.25 0.57 9.91
CA ARG A 141 -12.92 -0.18 11.12
C ARG A 141 -11.98 0.67 11.95
N GLU A 142 -11.90 0.37 13.25
CA GLU A 142 -11.11 1.23 14.13
C GLU A 142 -9.62 1.01 13.93
N ASP A 143 -9.20 -0.19 13.57
CA ASP A 143 -7.81 -0.39 13.19
C ASP A 143 -7.49 0.19 11.81
N HIS A 144 -8.45 0.89 11.21
CA HIS A 144 -8.31 1.56 9.92
C HIS A 144 -8.22 0.59 8.75
N LEU A 145 -8.67 -0.65 8.96
CA LEU A 145 -8.92 -1.62 7.89
C LEU A 145 -10.35 -1.45 7.41
N PHE A 146 -10.87 -2.41 6.65
CA PHE A 146 -12.20 -2.24 6.08
C PHE A 146 -13.01 -3.53 6.15
N ARG A 147 -14.34 -3.36 6.08
CA ARG A 147 -15.33 -4.42 5.94
C ARG A 147 -16.14 -4.17 4.68
N LYS A 148 -16.71 -5.25 4.13
CA LYS A 148 -17.61 -5.16 3.00
C LYS A 148 -18.59 -6.33 3.04
N PHE A 149 -19.80 -6.08 2.56
CA PHE A 149 -20.85 -7.09 2.48
C PHE A 149 -21.29 -7.21 1.03
N HIS A 150 -21.35 -8.44 0.52
CA HIS A 150 -21.96 -8.71 -0.78
C HIS A 150 -23.15 -9.64 -0.59
N TYR A 151 -24.22 -9.43 -1.36
CA TYR A 151 -25.47 -10.13 -1.15
C TYR A 151 -25.94 -10.74 -2.46
N LEU A 152 -26.37 -12.00 -2.39
CA LEU A 152 -26.93 -12.73 -3.52
C LEU A 152 -28.26 -13.37 -3.12
N PRO A 153 -29.40 -12.83 -3.56
CA PRO A 153 -30.67 -13.54 -3.34
C PRO A 153 -30.69 -14.84 -4.12
N PHE A 154 -31.26 -15.87 -3.50
CA PHE A 154 -31.24 -17.18 -4.14
C PHE A 154 -32.41 -18.01 -3.62
N LEU A 155 -32.66 -19.09 -4.35
CA LEU A 155 -33.70 -20.06 -4.00
C LEU A 155 -33.02 -21.36 -3.56
N PRO A 156 -33.02 -21.66 -2.27
CA PRO A 156 -32.30 -22.84 -1.78
C PRO A 156 -32.83 -24.14 -2.37
N SER A 157 -31.91 -24.93 -2.91
CA SER A 157 -32.23 -26.26 -3.43
C SER A 157 -31.09 -27.19 -3.07
N THR A 158 -31.36 -28.47 -3.15
CA THR A 158 -30.30 -29.44 -2.91
C THR A 158 -29.39 -29.63 -4.12
N GLU A 159 -29.66 -28.94 -5.24
CA GLU A 159 -28.97 -29.19 -6.49
C GLU A 159 -27.96 -28.11 -6.85
N ASP A 160 -27.84 -27.06 -6.06
CA ASP A 160 -26.96 -25.94 -6.37
C ASP A 160 -25.94 -25.73 -5.28
N VAL A 161 -24.69 -25.49 -5.69
CA VAL A 161 -23.60 -25.06 -4.83
C VAL A 161 -23.24 -23.63 -5.21
N TYR A 162 -22.71 -22.88 -4.24
CA TYR A 162 -22.40 -21.47 -4.45
C TYR A 162 -20.98 -21.19 -3.96
N ASP A 163 -20.37 -20.16 -4.54
CA ASP A 163 -19.04 -19.71 -4.15
C ASP A 163 -18.98 -18.20 -4.23
N CYS A 164 -18.27 -17.62 -3.28
CA CYS A 164 -17.87 -16.22 -3.30
C CYS A 164 -16.39 -16.19 -3.63
N ARG A 165 -16.05 -15.62 -4.79
CA ARG A 165 -14.67 -15.46 -5.23
C ARG A 165 -14.22 -14.05 -4.88
N VAL A 166 -13.19 -13.95 -4.04
CA VAL A 166 -12.67 -12.67 -3.60
C VAL A 166 -11.24 -12.54 -4.12
N GLU A 167 -10.95 -11.39 -4.74
CA GLU A 167 -9.63 -11.06 -5.26
C GLU A 167 -9.15 -9.78 -4.59
N HIS A 168 -7.95 -9.83 -4.02
CA HIS A 168 -7.35 -8.69 -3.34
C HIS A 168 -5.84 -8.80 -3.51
N TRP A 169 -5.18 -7.64 -3.58
CA TRP A 169 -3.73 -7.63 -3.83
C TRP A 169 -2.93 -8.27 -2.72
N GLY A 170 -3.54 -8.55 -1.57
CA GLY A 170 -2.84 -9.22 -0.50
C GLY A 170 -2.96 -10.72 -0.48
N LEU A 171 -3.73 -11.31 -1.40
CA LEU A 171 -3.89 -12.75 -1.50
C LEU A 171 -3.03 -13.28 -2.63
N ASP A 172 -2.40 -14.44 -2.41
CA ASP A 172 -1.59 -15.05 -3.47
C ASP A 172 -2.46 -15.57 -4.61
N GLU A 173 -3.63 -16.11 -4.28
CA GLU A 173 -4.56 -16.65 -5.27
C GLU A 173 -5.97 -16.19 -4.91
N PRO A 174 -6.87 -16.12 -5.89
CA PRO A 174 -8.27 -15.80 -5.57
C PRO A 174 -8.83 -16.79 -4.57
N LEU A 175 -9.63 -16.29 -3.64
CA LEU A 175 -10.15 -17.07 -2.53
C LEU A 175 -11.62 -17.39 -2.78
N LEU A 176 -11.97 -18.67 -2.83
CA LEU A 176 -13.35 -19.09 -2.99
C LEU A 176 -13.88 -19.61 -1.67
N LYS A 177 -14.96 -19.00 -1.18
CA LYS A 177 -15.68 -19.50 -0.03
C LYS A 177 -16.93 -20.20 -0.51
N HIS A 178 -17.16 -21.41 0.00
CA HIS A 178 -18.15 -22.32 -0.55
C HIS A 178 -19.38 -22.38 0.34
N TRP A 179 -20.56 -22.44 -0.29
CA TRP A 179 -21.79 -22.70 0.44
C TRP A 179 -22.57 -23.80 -0.25
N GLU A 180 -23.06 -24.73 0.56
CA GLU A 180 -23.91 -25.83 0.13
C GLU A 180 -25.02 -26.00 1.15
N PHE A 181 -26.12 -26.57 0.69
CA PHE A 181 -27.13 -27.07 1.61
C PHE A 181 -26.68 -28.45 2.10
N ASP A 182 -26.69 -28.65 3.41
CA ASP A 182 -26.19 -29.89 4.02
C ASP A 182 -27.34 -30.59 4.72
N ALA A 183 -28.12 -31.34 3.94
CA ALA A 183 -29.14 -32.24 4.46
C ALA A 183 -29.79 -33.01 3.32
N GLY B 5 -0.90 -8.75 -13.36
CA GLY B 5 -1.82 -7.63 -13.50
C GLY B 5 -1.32 -6.34 -12.88
N ASP B 6 -2.17 -5.70 -12.07
CA ASP B 6 -1.84 -4.43 -11.44
C ASP B 6 -0.96 -4.65 -10.21
N THR B 7 0.26 -4.13 -10.26
CA THR B 7 1.18 -4.20 -9.12
C THR B 7 1.62 -2.83 -8.60
N ARG B 8 1.12 -1.75 -9.20
CA ARG B 8 1.51 -0.40 -8.83
C ARG B 8 1.27 -0.16 -7.34
N PRO B 9 2.20 0.54 -6.66
CA PRO B 9 2.00 0.83 -5.24
C PRO B 9 0.75 1.66 -5.01
N ARG B 10 0.21 1.58 -3.78
CA ARG B 10 -1.02 2.27 -3.43
C ARG B 10 -0.79 3.22 -2.25
N PHE B 11 -1.53 4.32 -2.24
CA PHE B 11 -1.43 5.33 -1.19
C PHE B 11 -2.84 5.71 -0.76
N LEU B 12 -3.09 5.61 0.55
CA LEU B 12 -4.43 5.75 1.10
C LEU B 12 -4.47 6.85 2.15
N TRP B 13 -5.46 7.72 2.05
CA TRP B 13 -5.73 8.76 3.03
C TRP B 13 -7.14 8.56 3.55
N GLN B 14 -7.29 8.57 4.88
CA GLN B 14 -8.57 8.42 5.54
C GLN B 14 -8.80 9.59 6.48
N LEU B 15 -10.01 10.13 6.45
CA LEU B 15 -10.44 11.16 7.38
C LEU B 15 -11.65 10.63 8.14
N LYS B 16 -11.57 10.61 9.46
CA LYS B 16 -12.67 10.09 10.26
C LYS B 16 -13.10 11.10 11.32
N PHE B 17 -14.39 11.41 11.35
CA PHE B 17 -14.99 12.23 12.39
C PHE B 17 -15.87 11.32 13.25
N GLU B 18 -15.44 11.06 14.48
CA GLU B 18 -16.16 10.18 15.40
C GLU B 18 -16.85 11.04 16.46
N CYS B 19 -18.16 10.89 16.59
CA CYS B 19 -18.93 11.52 17.66
C CYS B 19 -19.33 10.43 18.66
N HIS B 20 -18.85 10.55 19.89
CA HIS B 20 -19.18 9.59 20.94
C HIS B 20 -20.18 10.22 21.90
N PHE B 21 -21.28 9.51 22.14
CA PHE B 21 -22.38 9.98 22.98
C PHE B 21 -22.54 9.10 24.20
N PHE B 22 -22.74 9.74 25.36
CA PHE B 22 -22.92 9.05 26.64
C PHE B 22 -24.15 9.60 27.34
N ASN B 23 -25.03 8.70 27.76
CA ASN B 23 -26.30 9.02 28.43
C ASN B 23 -27.19 9.89 27.54
N GLY B 24 -27.48 9.39 26.35
CA GLY B 24 -28.16 10.20 25.37
C GLY B 24 -27.16 11.18 24.79
N THR B 25 -27.31 12.45 25.14
CA THR B 25 -26.37 13.49 24.74
C THR B 25 -25.81 14.23 25.95
N GLU B 26 -25.84 13.62 27.13
CA GLU B 26 -25.27 14.25 28.31
C GLU B 26 -23.78 14.53 28.11
N ARG B 27 -23.02 13.51 27.70
N ARG B 27 -23.03 13.52 27.69
CA ARG B 27 -21.61 13.67 27.39
CA ARG B 27 -21.62 13.68 27.40
C ARG B 27 -21.39 13.44 25.91
C ARG B 27 -21.38 13.44 25.91
N VAL B 28 -20.61 14.31 25.28
CA VAL B 28 -20.26 14.16 23.86
C VAL B 28 -18.78 14.40 23.69
N ARG B 29 -18.11 13.52 22.95
CA ARG B 29 -16.69 13.68 22.63
C ARG B 29 -16.52 13.59 21.12
N LEU B 30 -15.93 14.62 20.52
CA LEU B 30 -15.63 14.63 19.10
C LEU B 30 -14.16 14.25 18.90
N LEU B 31 -13.90 13.36 17.94
CA LEU B 31 -12.55 12.89 17.65
C LEU B 31 -12.35 12.92 16.13
N GLU B 32 -11.51 13.84 15.67
CA GLU B 32 -11.13 13.93 14.25
C GLU B 32 -9.78 13.26 14.06
N ARG B 33 -9.69 12.33 13.12
CA ARG B 33 -8.50 11.51 12.95
C ARG B 33 -8.09 11.48 11.49
N CYS B 34 -6.80 11.71 11.23
CA CYS B 34 -6.23 11.57 9.90
C CYS B 34 -5.35 10.32 9.86
N ILE B 35 -5.61 9.44 8.91
CA ILE B 35 -4.90 8.17 8.79
C ILE B 35 -4.24 8.10 7.43
N TYR B 36 -2.92 8.02 7.40
CA TYR B 36 -2.18 7.77 6.16
C TYR B 36 -1.91 6.27 6.05
N ASN B 37 -2.33 5.69 4.93
CA ASN B 37 -2.27 4.24 4.71
C ASN B 37 -2.98 3.53 5.85
N GLN B 38 -2.23 3.04 6.85
CA GLN B 38 -2.83 2.41 8.01
C GLN B 38 -2.28 3.01 9.30
N GLU B 39 -1.89 4.29 9.29
CA GLU B 39 -1.30 4.92 10.46
C GLU B 39 -1.96 6.26 10.75
N GLU B 40 -2.45 6.41 11.98
CA GLU B 40 -3.00 7.69 12.40
C GLU B 40 -1.87 8.69 12.62
N SER B 41 -1.95 9.83 11.95
CA SER B 41 -0.92 10.86 12.02
C SER B 41 -1.26 12.01 12.95
N VAL B 42 -2.50 12.49 12.92
CA VAL B 42 -2.90 13.63 13.73
C VAL B 42 -4.37 13.48 14.12
N ARG B 43 -4.72 13.97 15.31
CA ARG B 43 -6.08 13.87 15.80
C ARG B 43 -6.45 15.13 16.58
N PHE B 44 -7.73 15.46 16.53
CA PHE B 44 -8.33 16.49 17.38
C PHE B 44 -9.29 15.79 18.33
N ASP B 45 -9.02 15.90 19.63
CA ASP B 45 -9.85 15.34 20.67
C ASP B 45 -10.52 16.50 21.40
N SER B 46 -11.85 16.54 21.43
CA SER B 46 -12.54 17.62 22.10
C SER B 46 -12.17 17.68 23.58
N ASP B 47 -11.75 16.55 24.16
CA ASP B 47 -11.30 16.55 25.56
C ASP B 47 -9.94 17.20 25.73
N VAL B 48 -9.19 17.38 24.65
CA VAL B 48 -7.91 18.08 24.69
C VAL B 48 -8.07 19.53 24.25
N GLY B 49 -8.86 19.77 23.20
CA GLY B 49 -9.12 21.11 22.74
C GLY B 49 -8.28 21.55 21.57
N GLU B 50 -7.28 20.76 21.18
CA GLU B 50 -6.41 21.16 20.08
C GLU B 50 -5.95 19.92 19.34
N TYR B 51 -5.46 20.14 18.13
CA TYR B 51 -4.85 19.06 17.37
C TYR B 51 -3.57 18.60 18.04
N ARG B 52 -3.34 17.29 18.04
CA ARG B 52 -2.12 16.69 18.52
C ARG B 52 -1.63 15.72 17.46
N ALA B 53 -0.32 15.65 17.30
CA ALA B 53 0.29 14.76 16.35
C ALA B 53 0.48 13.39 16.99
N VAL B 54 0.09 12.35 16.24
CA VAL B 54 0.30 10.98 16.69
C VAL B 54 1.64 10.45 16.21
N THR B 55 1.96 10.64 14.93
CA THR B 55 3.25 10.29 14.35
C THR B 55 3.97 11.55 13.88
N GLU B 56 5.27 11.39 13.61
CA GLU B 56 6.06 12.49 13.06
C GLU B 56 5.43 13.06 11.79
N LEU B 57 4.87 12.17 10.96
CA LEU B 57 4.23 12.58 9.72
C LEU B 57 3.15 13.62 9.96
N GLY B 58 2.57 13.67 11.16
CA GLY B 58 1.51 14.61 11.45
C GLY B 58 1.94 15.86 12.19
N ARG B 59 3.19 15.92 12.67
CA ARG B 59 3.59 17.08 13.46
C ARG B 59 3.40 18.42 12.77
N PRO B 60 3.82 18.63 11.52
CA PRO B 60 3.58 19.95 10.90
C PRO B 60 2.12 20.34 10.89
N ASP B 61 1.23 19.40 10.53
CA ASP B 61 -0.19 19.71 10.46
C ASP B 61 -0.72 20.15 11.82
N ALA B 62 -0.47 19.35 12.85
CA ALA B 62 -0.87 19.70 14.20
C ALA B 62 -0.40 21.11 14.54
N GLU B 63 0.82 21.47 14.14
CA GLU B 63 1.28 22.84 14.38
C GLU B 63 0.49 23.83 13.52
N TYR B 64 0.49 23.61 12.20
CA TYR B 64 -0.17 24.53 11.28
C TYR B 64 -1.63 24.76 11.67
N TRP B 65 -2.37 23.67 11.85
CA TRP B 65 -3.78 23.76 12.21
C TRP B 65 -3.97 24.40 13.58
N ASN B 66 -3.05 24.13 14.51
CA ASN B 66 -3.23 24.74 15.83
C ASN B 66 -2.97 26.24 15.84
N SER B 67 -2.51 26.82 14.72
CA SER B 67 -2.39 28.27 14.66
C SER B 67 -3.64 28.94 14.12
N GLN B 68 -4.55 28.20 13.49
CA GLN B 68 -5.79 28.76 12.99
C GLN B 68 -6.82 28.72 14.12
N LYS B 69 -6.96 29.84 14.84
CA LYS B 69 -7.87 29.87 15.98
C LYS B 69 -9.33 29.83 15.55
N ASP B 70 -9.67 30.36 14.38
CA ASP B 70 -11.04 30.23 13.89
C ASP B 70 -11.40 28.76 13.70
N LEU B 71 -10.49 28.00 13.12
CA LEU B 71 -10.66 26.56 12.98
C LEU B 71 -10.86 25.90 14.34
N LEU B 72 -10.02 26.25 15.30
CA LEU B 72 -10.09 25.62 16.62
C LEU B 72 -11.41 25.94 17.31
N GLU B 73 -11.91 27.17 17.13
CA GLU B 73 -13.19 27.53 17.72
C GLU B 73 -14.32 26.73 17.10
N GLN B 74 -14.34 26.64 15.77
CA GLN B 74 -15.40 25.87 15.12
C GLN B 74 -15.33 24.41 15.52
N ARG B 75 -14.13 23.85 15.66
CA ARG B 75 -14.00 22.45 16.04
C ARG B 75 -14.40 22.21 17.48
N ARG B 76 -14.11 23.16 18.38
CA ARG B 76 -14.55 22.99 19.76
C ARG B 76 -16.05 23.15 19.89
N ALA B 77 -16.67 23.91 18.99
CA ALA B 77 -18.13 24.06 19.02
C ALA B 77 -18.86 22.98 18.24
N ALA B 78 -18.14 22.17 17.47
CA ALA B 78 -18.80 21.11 16.70
C ALA B 78 -19.50 20.07 17.58
N VAL B 79 -19.11 19.92 18.85
CA VAL B 79 -19.80 18.95 19.70
C VAL B 79 -21.26 19.31 19.85
N ASP B 80 -21.64 20.56 19.59
CA ASP B 80 -23.03 20.98 19.54
C ASP B 80 -23.51 21.24 18.13
N THR B 81 -22.73 21.94 17.31
CA THR B 81 -23.20 22.29 15.98
C THR B 81 -23.21 21.09 15.04
N TYR B 82 -22.49 20.02 15.37
CA TYR B 82 -22.35 18.87 14.48
C TYR B 82 -22.81 17.57 15.14
N CYS B 83 -22.20 17.18 16.27
CA CYS B 83 -22.52 15.88 16.86
C CYS B 83 -23.95 15.83 17.38
N ARG B 84 -24.31 16.77 18.26
CA ARG B 84 -25.66 16.76 18.83
C ARG B 84 -26.72 16.99 17.77
N HIS B 85 -26.44 17.82 16.77
CA HIS B 85 -27.40 18.01 15.69
C HIS B 85 -27.66 16.72 14.94
N ASN B 86 -26.58 15.99 14.60
CA ASN B 86 -26.77 14.72 13.86
C ASN B 86 -27.46 13.68 14.73
N TYR B 87 -27.10 13.59 16.01
CA TYR B 87 -27.79 12.69 16.92
C TYR B 87 -29.29 12.99 16.92
N GLY B 88 -29.66 14.26 17.01
CA GLY B 88 -31.07 14.59 17.00
C GLY B 88 -31.74 14.29 15.67
N VAL B 89 -31.01 14.46 14.57
CA VAL B 89 -31.58 14.20 13.24
C VAL B 89 -31.85 12.72 13.07
N GLY B 90 -31.01 11.86 13.63
CA GLY B 90 -31.14 10.45 13.35
C GLY B 90 -31.64 9.59 14.50
N GLU B 91 -31.95 10.21 15.64
CA GLU B 91 -32.40 9.47 16.81
C GLU B 91 -33.57 8.55 16.50
N SER B 92 -34.51 8.99 15.65
CA SER B 92 -35.74 8.23 15.44
C SER B 92 -35.47 6.89 14.76
N PHE B 93 -34.51 6.82 13.85
CA PHE B 93 -34.27 5.59 13.11
C PHE B 93 -32.94 4.93 13.45
N THR B 94 -32.22 5.39 14.47
CA THR B 94 -30.97 4.76 14.87
C THR B 94 -31.02 4.32 16.34
N VAL B 95 -30.96 5.25 17.28
CA VAL B 95 -30.94 4.89 18.70
C VAL B 95 -32.25 4.22 19.11
N GLN B 96 -33.34 4.52 18.41
CA GLN B 96 -34.67 4.05 18.76
C GLN B 96 -35.15 2.92 17.85
N ARG B 97 -34.28 2.41 16.98
CA ARG B 97 -34.63 1.30 16.11
C ARG B 97 -34.82 0.02 16.92
N ARG B 98 -35.97 -0.63 16.70
CA ARG B 98 -36.33 -1.90 17.34
C ARG B 98 -36.90 -2.83 16.30
N VAL B 99 -36.20 -3.95 16.03
CA VAL B 99 -36.68 -4.99 15.14
C VAL B 99 -36.73 -6.31 15.89
N GLU B 100 -37.88 -6.98 15.84
CA GLU B 100 -38.13 -8.20 16.59
C GLU B 100 -37.47 -9.41 15.91
N PRO B 101 -36.81 -10.27 16.66
CA PRO B 101 -36.20 -11.46 16.07
C PRO B 101 -37.19 -12.58 15.80
N LYS B 102 -36.88 -13.35 14.76
CA LYS B 102 -37.54 -14.61 14.49
C LYS B 102 -36.72 -15.76 15.08
N VAL B 103 -37.38 -16.61 15.86
CA VAL B 103 -36.75 -17.69 16.59
C VAL B 103 -37.26 -19.04 16.08
N THR B 104 -36.34 -19.89 15.60
CA THR B 104 -36.66 -21.24 15.18
C THR B 104 -35.76 -22.23 15.91
N VAL B 105 -36.26 -23.44 16.14
CA VAL B 105 -35.48 -24.49 16.78
C VAL B 105 -35.48 -25.72 15.88
N TYR B 106 -34.29 -26.24 15.58
CA TYR B 106 -34.19 -27.40 14.70
C TYR B 106 -32.95 -28.21 15.06
N PRO B 107 -32.98 -29.53 14.85
CA PRO B 107 -31.76 -30.33 15.03
C PRO B 107 -30.76 -30.09 13.91
N SER B 108 -29.48 -29.96 14.29
CA SER B 108 -28.42 -29.68 13.33
C SER B 108 -28.32 -30.78 12.28
N LYS B 109 -28.31 -32.04 12.73
CA LYS B 109 -28.27 -33.19 11.85
C LYS B 109 -29.31 -34.19 12.33
N THR B 110 -29.87 -34.95 11.39
CA THR B 110 -30.91 -35.93 11.68
C THR B 110 -30.27 -37.27 12.04
N GLN B 111 -30.48 -37.70 13.28
CA GLN B 111 -29.84 -38.91 13.79
C GLN B 111 -30.73 -39.52 14.87
N PRO B 112 -30.51 -40.79 15.23
CA PRO B 112 -31.41 -41.47 16.17
C PRO B 112 -31.32 -40.93 17.60
N LEU B 113 -32.23 -41.44 18.44
CA LEU B 113 -32.29 -40.99 19.82
C LEU B 113 -31.18 -41.67 20.63
N GLN B 114 -31.00 -41.20 21.85
CA GLN B 114 -29.95 -41.71 22.74
C GLN B 114 -28.57 -41.60 22.11
N HIS B 115 -28.38 -40.59 21.26
CA HIS B 115 -27.15 -40.35 20.53
C HIS B 115 -26.93 -38.84 20.50
N HIS B 116 -25.67 -38.43 20.68
CA HIS B 116 -25.35 -37.01 20.81
C HIS B 116 -25.88 -36.23 19.62
N ASN B 117 -26.47 -35.07 19.90
CA ASN B 117 -27.05 -34.22 18.86
C ASN B 117 -26.83 -32.76 19.22
N LEU B 118 -26.92 -31.91 18.19
CA LEU B 118 -26.79 -30.46 18.33
C LEU B 118 -28.13 -29.81 18.00
N LEU B 119 -28.78 -29.24 19.02
CA LEU B 119 -30.02 -28.49 18.85
C LEU B 119 -29.72 -27.03 18.57
N VAL B 120 -30.20 -26.50 17.45
CA VAL B 120 -29.92 -25.14 17.03
C VAL B 120 -31.13 -24.26 17.31
N CYS B 121 -30.90 -23.16 18.02
CA CYS B 121 -31.85 -22.07 18.15
C CYS B 121 -31.34 -20.92 17.30
N SER B 122 -32.07 -20.61 16.24
CA SER B 122 -31.74 -19.53 15.33
C SER B 122 -32.58 -18.32 15.71
N VAL B 123 -31.91 -17.23 16.09
CA VAL B 123 -32.55 -15.95 16.39
C VAL B 123 -32.07 -14.97 15.32
N SER B 124 -32.94 -14.58 14.39
CA SER B 124 -32.49 -13.84 13.21
C SER B 124 -33.31 -12.58 12.98
N GLY B 125 -32.67 -11.59 12.37
CA GLY B 125 -33.33 -10.39 11.93
C GLY B 125 -33.66 -9.37 13.01
N PHE B 126 -32.88 -9.31 14.09
CA PHE B 126 -33.17 -8.42 15.20
C PHE B 126 -32.19 -7.25 15.26
N TYR B 127 -32.67 -6.14 15.81
CA TYR B 127 -31.90 -4.93 16.05
C TYR B 127 -32.58 -4.29 17.25
N PRO B 128 -31.82 -3.82 18.26
CA PRO B 128 -30.35 -3.78 18.30
C PRO B 128 -29.73 -5.11 18.74
N GLY B 129 -28.43 -5.10 19.03
CA GLY B 129 -27.70 -6.33 19.23
C GLY B 129 -27.75 -6.97 20.60
N SER B 130 -28.20 -6.25 21.63
CA SER B 130 -28.28 -6.84 22.97
C SER B 130 -29.42 -7.85 23.01
N ILE B 131 -29.10 -9.11 23.35
CA ILE B 131 -30.08 -10.18 23.35
C ILE B 131 -29.68 -11.21 24.41
N GLU B 132 -30.66 -11.98 24.86
CA GLU B 132 -30.42 -13.03 25.84
C GLU B 132 -31.13 -14.31 25.41
N VAL B 133 -30.37 -15.38 25.27
CA VAL B 133 -30.90 -16.66 24.81
C VAL B 133 -30.57 -17.72 25.84
N ARG B 134 -31.56 -18.53 26.21
CA ARG B 134 -31.33 -19.62 27.15
C ARG B 134 -31.99 -20.91 26.67
N TRP B 135 -31.35 -22.02 27.01
CA TRP B 135 -31.85 -23.35 26.73
C TRP B 135 -32.36 -24.01 28.00
N PHE B 136 -33.43 -24.78 27.87
CA PHE B 136 -33.99 -25.50 29.00
C PHE B 136 -34.31 -26.92 28.57
N ARG B 137 -34.02 -27.87 29.44
CA ARG B 137 -34.38 -29.27 29.25
C ARG B 137 -35.41 -29.61 30.32
N ASN B 138 -36.65 -29.83 29.89
CA ASN B 138 -37.76 -30.16 30.80
C ASN B 138 -37.89 -29.13 31.91
N GLY B 139 -37.67 -27.86 31.57
CA GLY B 139 -37.79 -26.78 32.52
C GLY B 139 -36.54 -26.43 33.29
N GLN B 140 -35.47 -27.22 33.20
CA GLN B 140 -34.24 -26.89 33.91
C GLN B 140 -33.24 -26.25 32.95
N GLU B 141 -32.63 -25.16 33.40
CA GLU B 141 -31.74 -24.40 32.51
C GLU B 141 -30.47 -25.19 32.25
N GLU B 142 -30.17 -25.35 30.96
CA GLU B 142 -28.95 -26.02 30.53
C GLU B 142 -27.88 -24.96 30.31
N LYS B 143 -26.90 -24.93 31.21
CA LYS B 143 -25.73 -24.04 31.09
C LYS B 143 -24.43 -24.80 30.82
N ALA B 144 -24.51 -26.01 30.25
CA ALA B 144 -23.29 -26.81 30.13
C ALA B 144 -22.86 -27.11 28.70
N GLY B 145 -23.79 -27.48 27.83
CA GLY B 145 -23.44 -27.80 26.46
C GLY B 145 -23.83 -26.72 25.48
N VAL B 146 -23.85 -25.47 25.93
CA VAL B 146 -24.33 -24.36 25.11
C VAL B 146 -23.17 -23.71 24.37
N VAL B 147 -23.24 -23.74 23.05
CA VAL B 147 -22.23 -23.22 22.13
C VAL B 147 -22.89 -22.14 21.28
N SER B 148 -22.43 -20.91 21.40
CA SER B 148 -23.03 -19.81 20.68
C SER B 148 -22.07 -19.26 19.63
N THR B 149 -22.65 -18.79 18.52
CA THR B 149 -21.86 -18.13 17.49
C THR B 149 -21.53 -16.70 17.81
N GLY B 150 -22.25 -16.09 18.75
CA GLY B 150 -22.10 -14.68 19.02
C GLY B 150 -22.97 -13.83 18.11
N LEU B 151 -22.78 -12.52 18.22
CA LEU B 151 -23.54 -11.58 17.41
C LEU B 151 -23.01 -11.55 15.98
N ILE B 152 -23.87 -11.79 15.01
CA ILE B 152 -23.50 -11.74 13.60
C ILE B 152 -24.16 -10.53 12.98
N GLN B 153 -23.35 -9.61 12.45
CA GLN B 153 -23.86 -8.41 11.79
C GLN B 153 -24.09 -8.71 10.32
N ASN B 154 -25.34 -8.60 9.88
CA ASN B 154 -25.68 -8.90 8.50
C ASN B 154 -25.40 -7.73 7.55
N GLY B 155 -25.15 -6.53 8.07
CA GLY B 155 -24.86 -5.38 7.23
C GLY B 155 -26.07 -4.62 6.75
N ASP B 156 -27.27 -5.07 7.09
CA ASP B 156 -28.51 -4.40 6.71
C ASP B 156 -29.29 -3.93 7.94
N TRP B 157 -28.57 -3.59 9.01
CA TRP B 157 -29.17 -3.15 10.27
C TRP B 157 -29.99 -4.26 10.93
N THR B 158 -29.54 -5.50 10.78
CA THR B 158 -30.12 -6.64 11.48
C THR B 158 -28.98 -7.54 12.00
N PHE B 159 -29.27 -8.27 13.06
CA PHE B 159 -28.34 -9.21 13.64
C PHE B 159 -28.94 -10.61 13.61
N GLN B 160 -28.08 -11.61 13.70
CA GLN B 160 -28.53 -12.99 13.86
C GLN B 160 -27.57 -13.70 14.81
N THR B 161 -28.08 -14.78 15.40
CA THR B 161 -27.31 -15.59 16.33
C THR B 161 -27.80 -17.03 16.23
N LEU B 162 -26.87 -17.97 16.36
CA LEU B 162 -27.18 -19.38 16.50
C LEU B 162 -26.68 -19.82 17.87
N VAL B 163 -27.59 -20.25 18.73
CA VAL B 163 -27.23 -20.78 20.04
C VAL B 163 -27.59 -22.26 20.04
N MET B 164 -26.59 -23.11 20.26
CA MET B 164 -26.73 -24.55 20.09
C MET B 164 -26.54 -25.28 21.41
N LEU B 165 -27.30 -26.35 21.58
CA LEU B 165 -27.28 -27.18 22.77
C LEU B 165 -26.80 -28.58 22.43
N GLU B 166 -25.79 -29.06 23.14
CA GLU B 166 -25.35 -30.44 23.04
C GLU B 166 -26.26 -31.29 23.89
N THR B 167 -26.92 -32.27 23.28
CA THR B 167 -27.93 -33.04 24.00
C THR B 167 -27.82 -34.51 23.65
N VAL B 168 -28.33 -35.35 24.55
CA VAL B 168 -28.56 -36.75 24.22
C VAL B 168 -30.07 -36.98 24.35
N PRO B 169 -30.83 -36.75 23.29
CA PRO B 169 -32.29 -36.74 23.41
C PRO B 169 -32.85 -38.09 23.80
N ARG B 170 -33.95 -38.06 24.55
CA ARG B 170 -34.67 -39.24 25.00
C ARG B 170 -36.15 -38.96 24.86
N SER B 171 -36.93 -40.00 24.58
CA SER B 171 -38.34 -39.80 24.27
C SER B 171 -39.09 -39.21 25.45
N GLY B 172 -39.92 -38.21 25.17
CA GLY B 172 -40.66 -37.48 26.18
C GLY B 172 -40.03 -36.18 26.62
N GLU B 173 -38.72 -36.01 26.40
CA GLU B 173 -38.05 -34.78 26.79
C GLU B 173 -38.51 -33.62 25.92
N VAL B 174 -38.65 -32.45 26.54
CA VAL B 174 -38.99 -31.22 25.84
C VAL B 174 -37.85 -30.23 26.06
N TYR B 175 -37.23 -29.79 24.98
CA TYR B 175 -36.19 -28.77 25.04
C TYR B 175 -36.81 -27.45 24.59
N THR B 176 -36.42 -26.37 25.23
CA THR B 176 -37.05 -25.07 25.02
C THR B 176 -36.00 -23.99 24.86
N CYS B 177 -36.12 -23.18 23.82
CA CYS B 177 -35.26 -22.03 23.62
C CYS B 177 -36.08 -20.78 23.93
N GLN B 178 -35.61 -19.99 24.89
CA GLN B 178 -36.28 -18.77 25.33
C GLN B 178 -35.37 -17.57 25.09
N VAL B 179 -35.89 -16.55 24.42
CA VAL B 179 -35.15 -15.37 23.99
C VAL B 179 -35.81 -14.11 24.52
N GLU B 180 -34.99 -13.18 25.03
CA GLU B 180 -35.47 -11.87 25.43
C GLU B 180 -34.63 -10.80 24.73
N HIS B 181 -35.34 -9.86 24.11
CA HIS B 181 -34.81 -8.77 23.29
C HIS B 181 -35.58 -7.51 23.62
N PRO B 182 -34.94 -6.34 23.55
CA PRO B 182 -35.64 -5.08 23.86
C PRO B 182 -36.87 -4.81 23.00
N SER B 183 -37.12 -5.59 21.95
CA SER B 183 -38.25 -5.33 21.06
C SER B 183 -39.53 -6.06 21.47
N VAL B 184 -39.47 -6.94 22.48
CA VAL B 184 -40.64 -7.70 22.91
C VAL B 184 -40.78 -7.54 24.42
N THR B 185 -42.02 -7.46 24.87
CA THR B 185 -42.30 -7.32 26.30
C THR B 185 -42.22 -8.66 27.00
N SER B 186 -42.68 -9.73 26.35
CA SER B 186 -42.65 -11.05 26.94
C SER B 186 -41.62 -11.93 26.24
N PRO B 187 -41.00 -12.86 26.97
CA PRO B 187 -40.00 -13.73 26.35
C PRO B 187 -40.60 -14.54 25.20
N LEU B 188 -39.80 -14.73 24.16
CA LEU B 188 -40.19 -15.61 23.06
C LEU B 188 -39.72 -17.02 23.40
N THR B 189 -40.59 -18.00 23.17
CA THR B 189 -40.32 -19.37 23.58
C THR B 189 -40.67 -20.30 22.43
N VAL B 190 -39.71 -21.14 22.04
CA VAL B 190 -39.92 -22.17 21.02
C VAL B 190 -39.52 -23.52 21.60
N GLU B 191 -40.33 -24.54 21.35
CA GLU B 191 -40.08 -25.86 21.92
C GLU B 191 -39.76 -26.88 20.83
N TRP B 192 -38.99 -27.91 21.23
CA TRP B 192 -38.70 -29.07 20.40
C TRP B 192 -38.90 -30.30 21.26
N ARG B 193 -39.74 -31.23 20.81
CA ARG B 193 -40.07 -32.43 21.56
C ARG B 193 -39.35 -33.61 20.94
N ALA B 194 -38.54 -34.30 21.73
CA ALA B 194 -37.76 -35.44 21.26
C ALA B 194 -38.61 -36.66 20.92
N THR C 1 -38.13 17.30 5.88
CA THR C 1 -37.08 16.44 6.42
C THR C 1 -35.90 17.29 6.95
N GLN C 2 -35.29 16.82 8.04
CA GLN C 2 -34.15 17.53 8.62
C GLN C 2 -32.87 17.21 7.85
N LEU C 3 -31.91 18.14 7.96
CA LEU C 3 -30.66 18.07 7.20
C LEU C 3 -29.53 17.57 8.08
N ASN C 4 -28.81 16.55 7.61
CA ASN C 4 -27.69 15.98 8.34
C ASN C 4 -26.43 16.76 7.98
N ARG C 5 -25.68 17.17 9.00
CA ARG C 5 -24.51 18.01 8.78
C ARG C 5 -23.24 17.17 8.72
N ALA C 6 -22.27 17.69 7.98
CA ALA C 6 -20.97 17.06 7.81
C ALA C 6 -19.90 18.12 8.00
N LEU C 7 -18.86 17.77 8.75
CA LEU C 7 -17.68 18.61 8.84
C LEU C 7 -16.83 18.44 7.60
N THR C 8 -15.96 19.41 7.35
CA THR C 8 -15.05 19.32 6.22
C THR C 8 -13.61 19.30 6.72
N GLY C 9 -12.76 18.56 6.02
CA GLY C 9 -11.37 18.47 6.40
C GLY C 9 -10.59 19.72 6.06
N ILE C 10 -9.52 19.95 6.80
CA ILE C 10 -8.67 21.12 6.62
C ILE C 10 -7.49 20.77 5.74
N ALA C 11 -7.08 21.70 4.89
CA ALA C 11 -5.94 21.50 4.02
C ALA C 11 -4.67 21.27 4.84
N VAL C 12 -3.87 20.32 4.39
CA VAL C 12 -2.67 19.91 5.11
C VAL C 12 -1.53 20.88 4.79
N GLU C 13 -0.60 21.03 5.74
CA GLU C 13 0.55 21.91 5.59
C GLU C 13 1.43 21.52 4.40
N GLN C 14 1.48 22.38 3.39
CA GLN C 14 2.33 22.18 2.21
C GLN C 14 3.72 22.79 2.38
N ASP C 15 4.39 22.49 3.48
CA ASP C 15 5.68 23.14 3.79
C ASP C 15 6.82 22.56 2.95
N MET D 1 13.32 14.60 -14.17
CA MET D 1 12.53 15.01 -13.00
C MET D 1 11.96 13.78 -12.30
N ILE D 2 10.80 13.94 -11.66
CA ILE D 2 10.09 12.80 -11.12
C ILE D 2 9.81 11.80 -12.25
N LYS D 3 9.80 10.51 -11.91
CA LYS D 3 9.50 9.48 -12.89
C LYS D 3 8.15 9.68 -13.57
N GLU D 4 7.27 10.49 -12.96
CA GLU D 4 5.92 10.70 -13.48
C GLU D 4 5.63 12.17 -13.77
N GLU D 5 6.65 13.02 -13.84
CA GLU D 5 6.46 14.44 -14.06
C GLU D 5 6.86 14.82 -15.49
N HIS D 6 6.13 15.77 -16.04
CA HIS D 6 6.41 16.37 -17.34
C HIS D 6 6.23 17.87 -17.21
N VAL D 7 7.05 18.65 -17.94
CA VAL D 7 7.02 20.10 -17.83
C VAL D 7 6.93 20.70 -19.24
N ILE D 8 5.97 21.60 -19.43
CA ILE D 8 5.87 22.43 -20.63
C ILE D 8 6.18 23.86 -20.23
N ILE D 9 7.16 24.46 -20.91
CA ILE D 9 7.63 25.80 -20.60
C ILE D 9 7.38 26.70 -21.80
N GLN D 10 6.77 27.86 -21.56
CA GLN D 10 6.71 28.93 -22.54
C GLN D 10 7.76 29.96 -22.15
N ALA D 11 8.81 30.09 -22.95
CA ALA D 11 9.94 30.95 -22.62
C ALA D 11 10.06 32.09 -23.63
N GLU D 12 10.13 33.30 -23.12
CA GLU D 12 10.31 34.48 -23.93
C GLU D 12 11.47 35.27 -23.37
N PHE D 13 12.21 35.95 -24.25
CA PHE D 13 13.19 36.90 -23.76
C PHE D 13 13.38 38.04 -24.74
N TYR D 14 13.79 39.18 -24.19
CA TYR D 14 14.23 40.34 -24.94
C TYR D 14 15.57 40.82 -24.40
N LEU D 15 16.49 41.15 -25.30
CA LEU D 15 17.86 41.52 -24.96
C LEU D 15 18.19 42.87 -25.60
N ASN D 16 18.62 43.83 -24.77
CA ASN D 16 19.11 45.16 -25.13
C ASN D 16 20.60 45.28 -24.82
N PRO D 17 21.37 46.02 -25.64
CA PRO D 17 20.95 46.85 -26.77
C PRO D 17 20.84 46.11 -28.10
N ASP D 18 21.01 44.78 -28.08
CA ASP D 18 20.96 44.02 -29.34
C ASP D 18 19.56 44.02 -29.93
N GLN D 19 18.55 44.36 -29.14
CA GLN D 19 17.16 44.34 -29.59
C GLN D 19 16.80 42.97 -30.17
N SER D 20 17.13 41.93 -29.42
CA SER D 20 16.90 40.56 -29.86
C SER D 20 15.80 39.92 -29.03
N GLY D 21 14.82 39.35 -29.70
CA GLY D 21 13.73 38.69 -29.01
C GLY D 21 13.64 37.21 -29.35
N GLU D 22 12.96 36.45 -28.49
CA GLU D 22 12.73 35.05 -28.77
C GLU D 22 11.50 34.58 -28.02
N PHE D 23 10.71 33.73 -28.70
CA PHE D 23 9.49 33.14 -28.16
C PHE D 23 9.49 31.67 -28.54
N MET D 24 9.45 30.80 -27.54
CA MET D 24 9.51 29.37 -27.82
C MET D 24 8.77 28.57 -26.76
N PHE D 25 8.46 27.33 -27.11
CA PHE D 25 7.88 26.35 -26.21
C PHE D 25 8.84 25.17 -26.06
N ASP D 26 8.86 24.58 -24.87
CA ASP D 26 9.82 23.57 -24.46
C ASP D 26 9.10 22.43 -23.77
N PHE D 27 9.43 21.18 -24.11
CA PHE D 27 8.86 20.02 -23.44
C PHE D 27 9.99 19.13 -22.95
N ASP D 28 10.13 19.02 -21.62
CA ASP D 28 11.13 18.14 -21.00
C ASP D 28 12.52 18.37 -21.58
N GLY D 29 12.84 19.60 -21.92
CA GLY D 29 14.16 19.95 -22.40
C GLY D 29 14.27 20.10 -23.90
N ASP D 30 13.26 19.69 -24.66
CA ASP D 30 13.28 19.76 -26.11
C ASP D 30 12.35 20.86 -26.60
N GLU D 31 12.78 21.56 -27.65
CA GLU D 31 11.98 22.64 -28.20
C GLU D 31 10.80 22.07 -28.96
N ILE D 32 9.58 22.55 -28.63
CA ILE D 32 8.41 22.18 -29.43
C ILE D 32 8.32 23.05 -30.67
N PHE D 33 8.43 24.37 -30.49
CA PHE D 33 8.40 25.30 -31.60
C PHE D 33 8.93 26.64 -31.12
N HIS D 34 9.23 27.51 -32.08
CA HIS D 34 9.56 28.90 -31.79
C HIS D 34 8.94 29.76 -32.88
N VAL D 35 8.78 31.05 -32.58
CA VAL D 35 8.17 31.96 -33.54
C VAL D 35 9.24 32.77 -34.26
N ASP D 36 9.17 32.75 -35.60
CA ASP D 36 9.99 33.59 -36.46
C ASP D 36 9.40 34.99 -36.44
N MET D 37 10.11 35.91 -35.77
CA MET D 37 9.66 37.29 -35.60
C MET D 37 9.62 38.06 -36.91
N ALA D 38 10.53 37.76 -37.84
CA ALA D 38 10.56 38.50 -39.09
C ALA D 38 9.38 38.14 -39.97
N LYS D 39 9.20 36.86 -40.27
CA LYS D 39 8.07 36.43 -41.08
C LYS D 39 6.82 36.19 -40.26
N LYS D 40 6.90 36.32 -38.93
CA LYS D 40 5.78 36.06 -38.03
C LYS D 40 5.17 34.70 -38.29
N GLU D 41 6.00 33.67 -38.16
CA GLU D 41 5.57 32.32 -38.51
C GLU D 41 5.92 31.34 -37.38
N THR D 42 5.10 30.30 -37.25
CA THR D 42 5.42 29.25 -36.30
C THR D 42 6.39 28.24 -36.93
N VAL D 43 7.52 27.99 -36.28
CA VAL D 43 8.53 27.06 -36.76
C VAL D 43 8.59 25.91 -35.76
N TRP D 44 8.12 24.74 -36.19
CA TRP D 44 8.10 23.56 -35.35
C TRP D 44 9.45 22.86 -35.43
N ARG D 45 9.95 22.44 -34.26
CA ARG D 45 11.27 21.81 -34.20
C ARG D 45 11.32 20.56 -35.07
N LEU D 46 10.28 19.73 -35.01
CA LEU D 46 10.06 18.67 -35.97
C LEU D 46 8.84 19.06 -36.79
N GLU D 47 9.01 19.11 -38.10
CA GLU D 47 7.94 19.64 -38.94
C GLU D 47 6.68 18.80 -38.84
N GLU D 48 6.81 17.51 -38.50
CA GLU D 48 5.66 16.65 -38.23
C GLU D 48 4.70 17.30 -37.25
N PHE D 49 5.24 18.03 -36.26
CA PHE D 49 4.41 18.67 -35.25
C PHE D 49 3.33 19.56 -35.87
N GLY D 50 3.63 20.19 -37.01
CA GLY D 50 2.66 21.07 -37.64
C GLY D 50 1.43 20.38 -38.19
N ARG D 51 1.39 19.05 -38.16
CA ARG D 51 0.24 18.30 -38.64
C ARG D 51 -0.74 17.96 -37.53
N PHE D 52 -0.36 18.18 -36.26
CA PHE D 52 -1.24 17.92 -35.12
C PHE D 52 -1.64 19.19 -34.39
N ALA D 53 -0.87 20.26 -34.54
CA ALA D 53 -1.03 21.44 -33.74
C ALA D 53 -0.81 22.69 -34.59
N SER D 54 -1.32 23.80 -34.08
CA SER D 54 -1.21 25.10 -34.73
C SER D 54 -0.98 26.14 -33.65
N PHE D 55 -0.50 27.31 -34.07
CA PHE D 55 -0.29 28.41 -33.14
C PHE D 55 -0.37 29.73 -33.90
N GLU D 56 -1.06 30.70 -33.32
CA GLU D 56 -1.17 32.03 -33.89
C GLU D 56 0.12 32.79 -33.60
N ALA D 57 0.97 32.95 -34.62
CA ALA D 57 2.28 33.54 -34.42
C ALA D 57 2.19 35.02 -34.05
N GLN D 58 1.20 35.73 -34.60
CA GLN D 58 1.02 37.16 -34.32
C GLN D 58 0.90 37.45 -32.82
N GLY D 59 0.48 36.47 -32.02
CA GLY D 59 0.41 36.69 -30.59
C GLY D 59 1.77 36.83 -29.95
N ALA D 60 2.75 36.04 -30.41
CA ALA D 60 4.08 36.10 -29.81
C ALA D 60 4.69 37.48 -29.91
N LEU D 61 4.52 38.15 -31.05
CA LEU D 61 5.01 39.51 -31.20
C LEU D 61 4.47 40.40 -30.08
N ALA D 62 3.16 40.30 -29.83
CA ALA D 62 2.55 41.08 -28.77
C ALA D 62 3.29 40.85 -27.46
N ASN D 63 3.52 39.58 -27.12
CA ASN D 63 4.21 39.28 -25.88
C ASN D 63 5.60 39.90 -25.86
N ILE D 64 6.33 39.77 -26.97
CA ILE D 64 7.68 40.31 -27.02
C ILE D 64 7.64 41.80 -26.79
N ALA D 65 6.62 42.48 -27.34
CA ALA D 65 6.47 43.91 -27.11
C ALA D 65 6.40 44.20 -25.61
N VAL D 66 5.49 43.53 -24.90
CA VAL D 66 5.39 43.71 -23.46
C VAL D 66 6.75 43.49 -22.82
N ASP D 67 7.40 42.40 -23.20
CA ASP D 67 8.68 42.05 -22.59
C ASP D 67 9.69 43.16 -22.81
N LYS D 68 9.77 43.66 -24.05
CA LYS D 68 10.68 44.78 -24.33
C LYS D 68 10.40 45.91 -23.36
N ALA D 69 9.13 46.34 -23.27
CA ALA D 69 8.81 47.45 -22.41
C ALA D 69 9.23 47.16 -20.98
N ASN D 70 8.92 45.94 -20.50
CA ASN D 70 9.22 45.64 -19.11
C ASN D 70 10.71 45.71 -18.87
N LEU D 71 11.50 45.21 -19.82
CA LEU D 71 12.95 45.23 -19.65
C LEU D 71 13.44 46.65 -19.45
N GLU D 72 12.97 47.57 -20.30
CA GLU D 72 13.45 48.94 -20.21
C GLU D 72 13.06 49.59 -18.90
N ILE D 73 11.97 49.13 -18.27
CA ILE D 73 11.65 49.62 -16.95
C ILE D 73 12.57 48.99 -15.91
N MET D 74 12.71 47.66 -15.95
CA MET D 74 13.50 46.99 -14.93
C MET D 74 14.95 47.44 -14.99
N THR D 75 15.46 47.59 -16.21
CA THR D 75 16.80 48.13 -16.39
C THR D 75 16.96 49.45 -15.67
N LYS D 76 15.99 50.36 -15.87
CA LYS D 76 16.05 51.63 -15.17
C LYS D 76 15.88 51.44 -13.67
N ARG D 77 14.97 50.55 -13.25
CA ARG D 77 14.72 50.34 -11.84
C ARG D 77 15.90 49.71 -11.13
N SER D 78 16.74 48.99 -11.85
CA SER D 78 17.93 48.34 -11.27
C SER D 78 19.13 49.27 -11.21
N ASN D 79 18.95 50.56 -11.49
CA ASN D 79 20.06 51.52 -11.59
C ASN D 79 21.01 51.14 -12.71
N TYR D 80 20.46 50.63 -13.81
CA TYR D 80 21.22 50.24 -14.98
C TYR D 80 22.30 49.21 -14.63
N THR D 81 21.87 48.17 -13.89
CA THR D 81 22.77 47.08 -13.54
C THR D 81 22.91 46.12 -14.72
N PRO D 82 24.12 45.90 -15.23
CA PRO D 82 24.29 45.02 -16.39
C PRO D 82 24.38 43.55 -15.99
N ILE D 83 24.22 42.69 -16.99
CA ILE D 83 24.29 41.24 -16.80
C ILE D 83 25.74 40.79 -16.77
N THR D 84 26.02 39.75 -15.97
CA THR D 84 27.34 39.13 -15.91
C THR D 84 27.42 38.05 -16.99
N ASN D 85 28.42 38.18 -17.88
CA ASN D 85 28.64 37.18 -18.91
C ASN D 85 29.07 35.87 -18.26
N VAL D 86 28.37 34.79 -18.60
CA VAL D 86 28.73 33.45 -18.14
C VAL D 86 29.24 32.65 -19.34
N PRO D 87 30.51 32.25 -19.37
CA PRO D 87 31.04 31.59 -20.55
C PRO D 87 30.42 30.21 -20.71
N PRO D 88 30.31 29.74 -21.95
CA PRO D 88 29.66 28.44 -22.19
C PRO D 88 30.62 27.26 -22.07
N GLU D 89 30.03 26.10 -21.78
CA GLU D 89 30.68 24.81 -21.95
C GLU D 89 30.34 24.29 -23.35
N VAL D 90 31.34 23.82 -24.09
CA VAL D 90 31.17 23.35 -25.45
C VAL D 90 31.59 21.89 -25.52
N THR D 91 30.74 21.06 -26.16
CA THR D 91 31.03 19.65 -26.35
C THR D 91 30.72 19.27 -27.79
N VAL D 92 31.52 18.38 -28.39
CA VAL D 92 31.26 17.89 -29.72
C VAL D 92 31.13 16.36 -29.67
N LEU D 93 30.00 15.84 -30.15
CA LEU D 93 29.77 14.41 -30.21
C LEU D 93 29.21 14.07 -31.58
N THR D 94 28.97 12.78 -31.82
CA THR D 94 28.29 12.35 -33.02
C THR D 94 26.93 11.80 -32.66
N ASN D 95 26.04 11.73 -33.66
CA ASN D 95 24.68 11.26 -33.47
CA ASN D 95 24.70 11.26 -33.37
C ASN D 95 24.65 9.75 -33.22
N SER D 96 25.54 9.01 -33.89
CA SER D 96 25.64 7.56 -33.72
C SER D 96 27.11 7.16 -33.76
N PRO D 97 27.45 5.92 -33.40
CA PRO D 97 28.83 5.44 -33.54
C PRO D 97 29.37 5.59 -34.96
N VAL D 98 30.61 6.06 -35.07
CA VAL D 98 31.20 6.37 -36.37
C VAL D 98 31.56 5.09 -37.10
N GLU D 99 31.22 5.04 -38.39
CA GLU D 99 31.66 4.00 -39.30
C GLU D 99 32.19 4.68 -40.55
N LEU D 100 33.43 4.37 -40.92
CA LEU D 100 34.10 5.08 -42.00
C LEU D 100 33.26 5.06 -43.27
N ARG D 101 33.13 6.23 -43.88
CA ARG D 101 32.45 6.37 -45.16
C ARG D 101 30.95 6.08 -45.05
N GLU D 102 30.39 6.26 -43.86
CA GLU D 102 28.96 6.07 -43.61
C GLU D 102 28.41 7.36 -43.02
N PRO D 103 27.43 8.00 -43.66
CA PRO D 103 26.98 9.32 -43.21
C PRO D 103 26.65 9.37 -41.73
N ASN D 104 27.01 10.49 -41.10
CA ASN D 104 26.81 10.69 -39.67
C ASN D 104 26.55 12.18 -39.44
N VAL D 105 26.40 12.57 -38.18
CA VAL D 105 26.14 13.97 -37.83
C VAL D 105 26.97 14.36 -36.63
N LEU D 106 27.70 15.48 -36.73
CA LEU D 106 28.38 16.08 -35.60
C LEU D 106 27.43 17.05 -34.90
N ILE D 107 27.32 16.91 -33.58
CA ILE D 107 26.51 17.76 -32.72
C ILE D 107 27.46 18.58 -31.87
N CYS D 108 27.34 19.90 -31.97
CA CYS D 108 28.03 20.85 -31.09
C CYS D 108 27.01 21.33 -30.06
N PHE D 109 27.20 20.92 -28.81
CA PHE D 109 26.34 21.30 -27.70
C PHE D 109 27.00 22.44 -26.93
N ILE D 110 26.34 23.58 -26.90
CA ILE D 110 26.79 24.77 -26.20
C ILE D 110 25.85 24.99 -25.03
N ASP D 111 26.38 25.03 -23.81
CA ASP D 111 25.54 24.92 -22.63
C ASP D 111 25.97 25.90 -21.55
N LYS D 112 25.00 26.30 -20.72
CA LYS D 112 25.24 26.99 -19.45
C LYS D 112 25.92 28.35 -19.67
N PHE D 113 25.26 29.19 -20.46
CA PHE D 113 25.83 30.49 -20.79
C PHE D 113 24.73 31.55 -20.81
N THR D 114 25.18 32.81 -20.66
CA THR D 114 24.34 33.99 -20.80
C THR D 114 25.27 35.19 -20.96
N PRO D 115 24.85 36.23 -21.70
CA PRO D 115 23.58 36.45 -22.39
C PRO D 115 23.38 35.53 -23.61
N PRO D 116 22.15 35.46 -24.13
CA PRO D 116 21.90 34.58 -25.30
C PRO D 116 22.39 35.21 -26.60
N VAL D 117 23.72 35.37 -26.69
CA VAL D 117 24.41 35.76 -27.90
C VAL D 117 25.63 34.87 -28.03
N VAL D 118 25.79 34.24 -29.19
CA VAL D 118 26.92 33.32 -29.41
C VAL D 118 27.20 33.25 -30.89
N ASN D 119 28.49 33.14 -31.23
CA ASN D 119 28.92 32.97 -32.62
C ASN D 119 29.53 31.59 -32.77
N VAL D 120 28.92 30.74 -33.60
CA VAL D 120 29.33 29.35 -33.76
C VAL D 120 29.77 29.13 -35.20
N THR D 121 30.90 28.45 -35.37
CA THR D 121 31.40 28.11 -36.69
C THR D 121 31.85 26.66 -36.72
N TRP D 122 31.43 25.93 -37.73
CA TRP D 122 31.98 24.60 -38.00
C TRP D 122 33.19 24.78 -38.91
N LEU D 123 34.26 24.04 -38.62
CA LEU D 123 35.49 24.10 -39.39
C LEU D 123 35.91 22.69 -39.74
N ARG D 124 36.06 22.40 -41.04
CA ARG D 124 36.67 21.15 -41.50
C ARG D 124 38.07 21.46 -42.00
N ASN D 125 39.07 20.86 -41.35
CA ASN D 125 40.48 21.08 -41.68
C ASN D 125 40.82 22.57 -41.64
N GLY D 126 40.26 23.28 -40.66
CA GLY D 126 40.53 24.70 -40.51
C GLY D 126 39.72 25.60 -41.41
N LYS D 127 38.91 25.04 -42.30
CA LYS D 127 38.18 25.90 -43.21
C LYS D 127 36.70 25.92 -42.83
N PRO D 128 36.07 27.10 -42.84
CA PRO D 128 34.68 27.19 -42.35
C PRO D 128 33.71 26.44 -43.26
N VAL D 129 32.85 25.64 -42.64
CA VAL D 129 31.77 24.95 -43.32
C VAL D 129 30.49 25.65 -42.91
N THR D 130 29.74 26.16 -43.88
CA THR D 130 28.58 26.98 -43.60
C THR D 130 27.34 26.51 -44.32
N THR D 131 27.46 25.50 -45.17
CA THR D 131 26.36 24.95 -45.95
C THR D 131 26.10 23.52 -45.49
N GLY D 132 24.83 23.16 -45.40
CA GLY D 132 24.42 21.86 -44.90
C GLY D 132 24.37 21.76 -43.39
N VAL D 133 24.65 22.84 -42.70
CA VAL D 133 24.63 22.93 -41.26
C VAL D 133 23.25 23.39 -40.79
N SER D 134 22.83 22.93 -39.62
CA SER D 134 21.59 23.41 -39.01
C SER D 134 21.88 23.81 -37.57
N GLU D 135 20.92 24.50 -36.95
CA GLU D 135 21.10 24.97 -35.58
C GLU D 135 19.73 25.26 -34.95
N THR D 136 19.68 25.08 -33.63
CA THR D 136 18.50 25.43 -32.85
C THR D 136 18.56 26.88 -32.38
N VAL D 137 17.47 27.34 -31.79
CA VAL D 137 17.45 28.65 -31.14
C VAL D 137 17.97 28.46 -29.71
N PHE D 138 17.96 29.52 -28.92
CA PHE D 138 18.44 29.44 -27.54
C PHE D 138 17.44 28.68 -26.67
N LEU D 139 17.95 27.69 -25.94
CA LEU D 139 17.03 26.87 -25.17
C LEU D 139 17.06 27.26 -23.70
N PRO D 140 15.91 27.28 -23.02
CA PRO D 140 15.87 27.71 -21.62
C PRO D 140 16.47 26.70 -20.67
N ARG D 141 17.04 27.20 -19.58
CA ARG D 141 17.57 26.36 -18.51
C ARG D 141 16.98 26.80 -17.18
N GLU D 142 17.03 25.89 -16.20
CA GLU D 142 16.45 26.19 -14.89
C GLU D 142 17.24 27.27 -14.17
N ASP D 143 18.55 27.23 -14.26
CA ASP D 143 19.39 28.29 -13.68
C ASP D 143 19.31 29.61 -14.47
N HIS D 144 18.40 29.65 -15.44
CA HIS D 144 18.13 30.82 -16.27
C HIS D 144 19.27 31.14 -17.22
N LEU D 145 20.14 30.16 -17.49
CA LEU D 145 21.14 30.22 -18.54
C LEU D 145 20.53 29.64 -19.82
N PHE D 146 21.36 29.33 -20.82
CA PHE D 146 20.85 28.91 -22.12
C PHE D 146 21.63 27.71 -22.66
N ARG D 147 20.98 26.99 -23.59
CA ARG D 147 21.57 25.90 -24.37
C ARG D 147 21.35 26.15 -25.86
N LYS D 148 22.25 25.61 -26.67
CA LYS D 148 22.15 25.69 -28.11
C LYS D 148 22.79 24.44 -28.73
N PHE D 149 22.23 24.00 -29.85
CA PHE D 149 22.72 22.84 -30.60
C PHE D 149 23.05 23.26 -32.02
N HIS D 150 24.22 22.88 -32.50
CA HIS D 150 24.57 23.04 -33.90
C HIS D 150 24.87 21.68 -34.51
N TYR D 151 24.49 21.49 -35.79
CA TYR D 151 24.56 20.18 -36.43
C TYR D 151 25.27 20.29 -37.76
N LEU D 152 26.21 19.37 -37.99
CA LEU D 152 26.94 19.24 -39.26
C LEU D 152 26.88 17.79 -39.72
N PRO D 153 26.05 17.47 -40.72
CA PRO D 153 26.15 16.14 -41.34
C PRO D 153 27.47 16.02 -42.07
N PHE D 154 28.08 14.83 -41.98
CA PHE D 154 29.40 14.63 -42.55
C PHE D 154 29.61 13.15 -42.86
N LEU D 155 30.66 12.88 -43.64
CA LEU D 155 31.04 11.51 -43.99
C LEU D 155 32.33 11.17 -43.25
N PRO D 156 32.31 10.28 -42.26
CA PRO D 156 33.52 10.01 -41.48
C PRO D 156 34.65 9.48 -42.36
N SER D 157 35.80 10.12 -42.26
CA SER D 157 36.99 9.74 -42.99
C SER D 157 38.20 9.91 -42.09
N THR D 158 39.29 9.22 -42.43
CA THR D 158 40.52 9.39 -41.66
C THR D 158 41.31 10.62 -42.10
N GLU D 159 40.80 11.36 -43.09
CA GLU D 159 41.52 12.46 -43.71
C GLU D 159 41.01 13.82 -43.28
N ASP D 160 39.97 13.87 -42.45
CA ASP D 160 39.33 15.11 -42.05
C ASP D 160 39.40 15.29 -40.53
N VAL D 161 39.70 16.51 -40.11
CA VAL D 161 39.55 16.92 -38.72
C VAL D 161 38.49 18.01 -38.67
N TYR D 162 37.80 18.12 -37.53
CA TYR D 162 36.70 19.06 -37.39
C TYR D 162 36.85 19.87 -36.10
N ASP D 163 36.31 21.07 -36.11
CA ASP D 163 36.32 21.94 -34.95
C ASP D 163 35.01 22.70 -34.89
N CYS D 164 34.51 22.90 -33.67
CA CYS D 164 33.41 23.82 -33.39
C CYS D 164 34.04 25.01 -32.69
N ARG D 165 34.06 26.16 -33.37
CA ARG D 165 34.63 27.38 -32.80
C ARG D 165 33.48 28.23 -32.29
N VAL D 166 33.49 28.46 -30.97
CA VAL D 166 32.45 29.18 -30.26
C VAL D 166 33.05 30.47 -29.71
N GLU D 167 32.37 31.58 -29.98
CA GLU D 167 32.77 32.90 -29.50
C GLU D 167 31.64 33.46 -28.66
N HIS D 168 31.99 33.92 -27.45
CA HIS D 168 31.05 34.46 -26.48
C HIS D 168 31.75 35.53 -25.66
N TRP D 169 30.99 36.53 -25.22
CA TRP D 169 31.58 37.64 -24.46
C TRP D 169 32.15 37.21 -23.12
N GLY D 170 31.86 35.98 -22.68
CA GLY D 170 32.44 35.49 -21.45
C GLY D 170 33.71 34.72 -21.64
N LEU D 171 34.15 34.54 -22.88
CA LEU D 171 35.40 33.84 -23.19
C LEU D 171 36.48 34.84 -23.52
N ASP D 172 37.70 34.58 -23.02
CA ASP D 172 38.82 35.45 -23.33
C ASP D 172 39.22 35.32 -24.79
N GLU D 173 39.17 34.12 -25.33
CA GLU D 173 39.51 33.85 -26.72
C GLU D 173 38.49 32.87 -27.27
N PRO D 174 38.33 32.81 -28.60
CA PRO D 174 37.44 31.81 -29.18
C PRO D 174 37.82 30.41 -28.74
N LEU D 175 36.81 29.59 -28.48
CA LEU D 175 36.98 28.24 -27.96
C LEU D 175 36.76 27.25 -29.09
N LEU D 176 37.76 26.43 -29.39
CA LEU D 176 37.64 25.40 -30.41
C LEU D 176 37.55 24.04 -29.74
N LYS D 177 36.46 23.33 -29.99
CA LYS D 177 36.34 21.94 -29.57
C LYS D 177 36.57 21.05 -30.77
N HIS D 178 37.45 20.06 -30.62
CA HIS D 178 38.00 19.29 -31.73
C HIS D 178 37.37 17.92 -31.79
N TRP D 179 37.05 17.47 -33.00
CA TRP D 179 36.63 16.09 -33.25
C TRP D 179 37.50 15.51 -34.35
N GLU D 180 38.00 14.31 -34.10
CA GLU D 180 38.79 13.56 -35.05
C GLU D 180 38.38 12.11 -34.94
N PHE D 181 38.56 11.36 -36.02
CA PHE D 181 38.45 9.92 -35.95
C PHE D 181 39.77 9.36 -35.44
N ASP D 182 39.71 8.46 -34.46
CA ASP D 182 40.91 7.93 -33.82
C ASP D 182 41.03 6.44 -34.15
N ALA D 183 42.09 6.10 -34.88
CA ALA D 183 42.33 4.71 -35.27
C ALA D 183 43.31 4.02 -34.31
N MET E 4 34.32 40.52 -28.16
CA MET E 4 33.90 41.16 -29.39
C MET E 4 34.02 42.67 -29.21
N GLY E 5 34.27 43.38 -30.31
CA GLY E 5 34.38 44.82 -30.31
C GLY E 5 33.29 45.47 -29.48
N ASP E 6 32.09 44.90 -29.54
CA ASP E 6 30.97 45.43 -28.76
C ASP E 6 31.14 44.92 -27.34
N THR E 7 31.42 45.85 -26.42
CA THR E 7 31.51 45.55 -25.00
C THR E 7 30.46 46.32 -24.24
N ARG E 8 29.55 47.00 -24.96
CA ARG E 8 28.49 47.75 -24.31
C ARG E 8 27.71 46.81 -23.38
N PRO E 9 27.30 47.27 -22.20
CA PRO E 9 26.59 46.39 -21.28
C PRO E 9 25.30 45.85 -21.87
N ARG E 10 24.87 44.71 -21.33
CA ARG E 10 23.68 44.02 -21.81
C ARG E 10 22.65 43.91 -20.70
N PHE E 11 21.38 43.92 -21.09
CA PHE E 11 20.27 43.82 -20.16
C PHE E 11 19.27 42.81 -20.70
N LEU E 12 18.93 41.81 -19.88
CA LEU E 12 18.15 40.67 -20.32
C LEU E 12 16.91 40.51 -19.45
N TRP E 13 15.77 40.30 -20.09
CA TRP E 13 14.50 40.02 -19.43
C TRP E 13 13.96 38.69 -19.94
N GLN E 14 13.58 37.81 -19.02
CA GLN E 14 13.03 36.49 -19.34
C GLN E 14 11.69 36.31 -18.67
N LEU E 15 10.71 35.81 -19.42
CA LEU E 15 9.41 35.43 -18.90
C LEU E 15 9.21 33.94 -19.16
N LYS E 16 8.93 33.18 -18.10
CA LYS E 16 8.75 31.73 -18.24
C LYS E 16 7.43 31.30 -17.64
N PHE E 17 6.62 30.59 -18.41
CA PHE E 17 5.41 29.94 -17.92
C PHE E 17 5.68 28.43 -17.91
N GLU E 18 5.82 27.86 -16.72
CA GLU E 18 6.12 26.45 -16.56
C GLU E 18 4.87 25.72 -16.07
N CYS E 19 4.45 24.71 -16.82
CA CYS E 19 3.34 23.84 -16.42
C CYS E 19 3.91 22.49 -16.00
N HIS E 20 3.74 22.15 -14.73
CA HIS E 20 4.23 20.89 -14.18
C HIS E 20 3.05 19.93 -14.04
N PHE E 21 3.20 18.73 -14.60
CA PHE E 21 2.15 17.72 -14.63
C PHE E 21 2.59 16.50 -13.86
N PHE E 22 1.69 15.96 -13.03
CA PHE E 22 1.98 14.80 -12.21
C PHE E 22 0.87 13.77 -12.38
N ASN E 23 1.29 12.55 -12.72
CA ASN E 23 0.40 11.41 -12.96
C ASN E 23 -0.60 11.71 -14.07
N GLY E 24 -0.05 12.06 -15.23
CA GLY E 24 -0.83 12.55 -16.34
C GLY E 24 -1.20 14.00 -16.14
N THR E 25 -2.47 14.28 -15.92
CA THR E 25 -2.93 15.62 -15.57
C THR E 25 -3.70 15.62 -14.26
N GLU E 26 -3.50 14.60 -13.44
CA GLU E 26 -4.18 14.54 -12.15
C GLU E 26 -3.77 15.71 -11.27
N ARG E 27 -2.47 16.04 -11.23
CA ARG E 27 -2.03 17.23 -10.52
C ARG E 27 -1.27 18.15 -11.46
N VAL E 28 -1.64 19.42 -11.47
CA VAL E 28 -1.00 20.42 -12.34
C VAL E 28 -0.63 21.63 -11.51
N ARG E 29 0.59 22.12 -11.71
CA ARG E 29 1.08 23.32 -11.06
C ARG E 29 1.59 24.30 -12.11
N LEU E 30 1.07 25.51 -12.11
CA LEU E 30 1.53 26.57 -13.01
C LEU E 30 2.49 27.48 -12.26
N LEU E 31 3.57 27.86 -12.92
CA LEU E 31 4.58 28.73 -12.33
C LEU E 31 4.96 29.80 -13.36
N GLU E 32 4.56 31.04 -13.11
CA GLU E 32 4.95 32.18 -13.93
C GLU E 32 6.15 32.84 -13.25
N ARG E 33 7.22 33.05 -13.99
CA ARG E 33 8.47 33.53 -13.42
C ARG E 33 9.05 34.65 -14.27
N CYS E 34 9.41 35.75 -13.62
CA CYS E 34 10.10 36.86 -14.27
C CYS E 34 11.55 36.87 -13.81
N ILE E 35 12.48 36.88 -14.78
CA ILE E 35 13.91 36.81 -14.51
C ILE E 35 14.55 38.05 -15.11
N TYR E 36 15.18 38.86 -14.25
CA TYR E 36 16.00 39.97 -14.72
C TYR E 36 17.43 39.50 -14.78
N ASN E 37 18.07 39.64 -15.95
CA ASN E 37 19.39 39.09 -16.20
C ASN E 37 19.45 37.61 -15.82
N GLN E 38 19.97 37.30 -14.63
CA GLN E 38 20.04 35.92 -14.16
C GLN E 38 19.41 35.75 -12.78
N GLU E 39 18.51 36.66 -12.40
CA GLU E 39 17.88 36.64 -11.07
C GLU E 39 16.37 36.70 -11.24
N GLU E 40 15.69 35.75 -10.60
CA GLU E 40 14.23 35.72 -10.62
C GLU E 40 13.70 36.78 -9.66
N SER E 41 12.85 37.68 -10.15
CA SER E 41 12.36 38.79 -9.35
C SER E 41 10.98 38.57 -8.77
N VAL E 42 10.04 38.03 -9.55
CA VAL E 42 8.69 37.83 -9.07
C VAL E 42 8.13 36.57 -9.73
N ARG E 43 7.29 35.84 -8.99
CA ARG E 43 6.70 34.61 -9.50
C ARG E 43 5.26 34.47 -9.05
N PHE E 44 4.47 33.79 -9.87
CA PHE E 44 3.12 33.36 -9.53
C PHE E 44 3.11 31.83 -9.48
N ASP E 45 2.79 31.28 -8.33
CA ASP E 45 2.67 29.85 -8.14
C ASP E 45 1.21 29.52 -7.94
N SER E 46 0.66 28.66 -8.81
CA SER E 46 -0.74 28.26 -8.69
C SER E 46 -1.02 27.59 -7.35
N ASP E 47 0.00 27.02 -6.72
CA ASP E 47 -0.17 26.44 -5.39
C ASP E 47 -0.28 27.52 -4.30
N VAL E 48 0.13 28.75 -4.61
CA VAL E 48 0.02 29.87 -3.67
C VAL E 48 -1.20 30.73 -3.95
N GLY E 49 -1.48 30.99 -5.23
CA GLY E 49 -2.65 31.74 -5.64
C GLY E 49 -2.38 33.20 -5.93
N GLU E 50 -1.18 33.70 -5.66
CA GLU E 50 -0.87 35.10 -5.87
C GLU E 50 0.59 35.27 -6.23
N TYR E 51 0.90 36.43 -6.81
CA TYR E 51 2.28 36.79 -7.09
C TYR E 51 3.04 37.03 -5.79
N ARG E 52 4.29 36.59 -5.77
CA ARG E 52 5.20 36.83 -4.66
C ARG E 52 6.50 37.39 -5.22
N ALA E 53 7.11 38.30 -4.49
CA ALA E 53 8.36 38.89 -4.91
C ALA E 53 9.49 37.98 -4.46
N VAL E 54 10.41 37.68 -5.36
CA VAL E 54 11.58 36.89 -5.02
C VAL E 54 12.73 37.80 -4.59
N THR E 55 12.94 38.90 -5.32
CA THR E 55 13.93 39.90 -4.96
C THR E 55 13.25 41.20 -4.56
N GLU E 56 14.05 42.11 -4.01
CA GLU E 56 13.61 43.47 -3.75
C GLU E 56 13.11 44.15 -5.02
N LEU E 57 13.59 43.70 -6.19
CA LEU E 57 13.26 44.32 -7.46
C LEU E 57 11.86 43.96 -7.95
N GLY E 58 11.30 42.84 -7.48
CA GLY E 58 10.01 42.38 -7.94
C GLY E 58 8.87 42.80 -7.04
N ARG E 59 9.22 43.40 -5.91
CA ARG E 59 8.25 43.90 -4.94
C ARG E 59 7.22 44.85 -5.53
N PRO E 60 7.60 45.92 -6.26
CA PRO E 60 6.58 46.78 -6.86
C PRO E 60 5.67 46.05 -7.82
N ASP E 61 6.25 45.20 -8.68
CA ASP E 61 5.47 44.43 -9.65
C ASP E 61 4.53 43.47 -8.95
N ALA E 62 5.04 42.69 -8.01
CA ALA E 62 4.20 41.76 -7.27
C ALA E 62 3.00 42.44 -6.65
N GLU E 63 3.22 43.61 -6.03
CA GLU E 63 2.08 44.32 -5.43
C GLU E 63 1.11 44.83 -6.49
N TYR E 64 1.63 45.56 -7.48
CA TYR E 64 0.79 46.10 -8.55
C TYR E 64 -0.07 45.01 -9.18
N TRP E 65 0.53 43.87 -9.52
CA TRP E 65 -0.21 42.77 -10.14
C TRP E 65 -1.19 42.14 -9.17
N ASN E 66 -0.82 41.98 -7.89
CA ASN E 66 -1.75 41.39 -6.94
C ASN E 66 -2.90 42.32 -6.59
N SER E 67 -2.88 43.56 -7.08
CA SER E 67 -4.05 44.42 -6.91
C SER E 67 -5.05 44.28 -8.06
N GLN E 68 -4.67 43.65 -9.18
CA GLN E 68 -5.55 43.39 -10.31
C GLN E 68 -6.23 42.04 -10.08
N LYS E 69 -7.47 42.06 -9.58
CA LYS E 69 -8.13 40.83 -9.17
C LYS E 69 -8.54 39.98 -10.37
N ASP E 70 -8.91 40.61 -11.49
CA ASP E 70 -9.25 39.87 -12.70
C ASP E 70 -8.04 39.10 -13.23
N LEU E 71 -6.86 39.72 -13.21
CA LEU E 71 -5.64 39.01 -13.57
C LEU E 71 -5.44 37.78 -12.69
N LEU E 72 -5.66 37.92 -11.38
CA LEU E 72 -5.48 36.78 -10.49
C LEU E 72 -6.48 35.67 -10.80
N GLU E 73 -7.71 36.04 -11.16
CA GLU E 73 -8.70 35.01 -11.51
C GLU E 73 -8.28 34.27 -12.77
N GLN E 74 -7.86 35.01 -13.80
CA GLN E 74 -7.42 34.36 -15.03
C GLN E 74 -6.21 33.47 -14.80
N ARG E 75 -5.26 33.93 -13.98
CA ARG E 75 -4.06 33.14 -13.73
C ARG E 75 -4.36 31.90 -12.90
N ARG E 76 -5.32 31.99 -11.97
CA ARG E 76 -5.70 30.81 -11.20
C ARG E 76 -6.51 29.83 -12.05
N ALA E 77 -7.19 30.31 -13.08
CA ALA E 77 -7.91 29.41 -13.97
C ALA E 77 -7.03 28.87 -15.11
N ALA E 78 -5.83 29.42 -15.28
CA ALA E 78 -4.93 28.96 -16.33
C ALA E 78 -4.49 27.51 -16.16
N VAL E 79 -4.51 26.95 -14.94
CA VAL E 79 -4.13 25.55 -14.76
C VAL E 79 -5.07 24.64 -15.54
N ASP E 80 -6.24 25.12 -15.92
CA ASP E 80 -7.14 24.40 -16.79
C ASP E 80 -7.23 24.99 -18.18
N THR E 81 -7.32 26.32 -18.29
CA THR E 81 -7.48 26.94 -19.60
C THR E 81 -6.18 26.97 -20.40
N TYR E 82 -5.02 26.78 -19.76
CA TYR E 82 -3.74 26.88 -20.44
C TYR E 82 -2.93 25.60 -20.34
N CYS E 83 -2.65 25.13 -19.12
CA CYS E 83 -1.78 23.96 -18.96
C CYS E 83 -2.44 22.68 -19.48
N ARG E 84 -3.64 22.36 -18.97
CA ARG E 84 -4.31 21.14 -19.40
C ARG E 84 -4.70 21.19 -20.87
N HIS E 85 -5.07 22.36 -21.38
CA HIS E 85 -5.39 22.48 -22.79
C HIS E 85 -4.17 22.17 -23.67
N ASN E 86 -3.02 22.77 -23.35
CA ASN E 86 -1.82 22.53 -24.16
C ASN E 86 -1.35 21.09 -24.02
N TYR E 87 -1.46 20.52 -22.82
CA TYR E 87 -1.15 19.11 -22.62
C TYR E 87 -2.00 18.24 -23.54
N GLY E 88 -3.31 18.53 -23.61
CA GLY E 88 -4.17 17.74 -24.49
C GLY E 88 -3.84 17.94 -25.94
N VAL E 89 -3.42 19.15 -26.32
CA VAL E 89 -3.09 19.42 -27.72
C VAL E 89 -1.83 18.66 -28.13
N GLY E 90 -0.86 18.52 -27.22
CA GLY E 90 0.41 17.96 -27.62
C GLY E 90 0.73 16.56 -27.13
N GLU E 91 -0.22 15.95 -26.41
CA GLU E 91 0.00 14.62 -25.84
C GLU E 91 0.46 13.61 -26.90
N SER E 92 -0.12 13.69 -28.10
CA SER E 92 0.11 12.65 -29.11
C SER E 92 1.56 12.62 -29.59
N PHE E 93 2.20 13.77 -29.72
CA PHE E 93 3.54 13.84 -30.27
C PHE E 93 4.61 14.26 -29.26
N THR E 94 4.25 14.40 -27.99
CA THR E 94 5.23 14.73 -26.95
C THR E 94 5.23 13.64 -25.88
N VAL E 95 4.20 13.58 -25.03
CA VAL E 95 4.15 12.62 -23.94
C VAL E 95 4.14 11.18 -24.44
N GLN E 96 3.57 10.95 -25.62
CA GLN E 96 3.42 9.59 -26.13
C GLN E 96 4.41 9.25 -27.23
N ARG E 97 5.39 10.12 -27.48
CA ARG E 97 6.39 9.83 -28.50
C ARG E 97 7.22 8.63 -28.07
N ARG E 98 7.31 7.64 -28.95
CA ARG E 98 8.07 6.44 -28.65
C ARG E 98 8.95 6.17 -29.87
N VAL E 99 10.26 6.31 -29.70
CA VAL E 99 11.23 5.99 -30.74
C VAL E 99 12.17 4.94 -30.18
N GLU E 100 12.29 3.84 -30.88
CA GLU E 100 13.03 2.68 -30.41
C GLU E 100 14.54 2.90 -30.62
N PRO E 101 15.36 2.52 -29.65
CA PRO E 101 16.81 2.75 -29.77
C PRO E 101 17.46 1.76 -30.74
N LYS E 102 18.50 2.22 -31.42
CA LYS E 102 19.35 1.30 -32.17
C LYS E 102 20.52 0.95 -31.26
N VAL E 103 20.77 -0.35 -31.08
CA VAL E 103 21.73 -0.85 -30.10
C VAL E 103 22.85 -1.57 -30.83
N THR E 104 24.08 -1.12 -30.61
CA THR E 104 25.28 -1.74 -31.16
C THR E 104 26.25 -2.08 -30.05
N VAL E 105 27.02 -3.15 -30.23
CA VAL E 105 28.04 -3.53 -29.26
C VAL E 105 29.37 -3.69 -30.00
N TYR E 106 30.39 -2.99 -29.52
CA TYR E 106 31.69 -3.05 -30.19
C TYR E 106 32.82 -2.87 -29.19
N PRO E 107 33.99 -3.46 -29.45
CA PRO E 107 35.15 -3.20 -28.61
C PRO E 107 35.67 -1.79 -28.84
N SER E 108 36.04 -1.12 -27.75
CA SER E 108 36.51 0.25 -27.86
C SER E 108 37.73 0.35 -28.78
N LYS E 109 38.79 -0.36 -28.46
CA LYS E 109 40.00 -0.41 -29.28
C LYS E 109 40.10 -1.77 -29.94
N THR E 110 40.38 -1.77 -31.25
CA THR E 110 40.65 -3.02 -31.95
C THR E 110 42.02 -3.51 -31.53
N GLN E 111 42.05 -4.62 -30.79
CA GLN E 111 43.29 -5.14 -30.24
C GLN E 111 43.12 -6.64 -30.07
N PRO E 112 44.22 -7.38 -29.90
CA PRO E 112 44.08 -8.81 -29.60
C PRO E 112 43.53 -9.05 -28.20
N LEU E 113 43.18 -10.30 -27.96
CA LEU E 113 42.51 -10.74 -26.74
C LEU E 113 43.49 -10.89 -25.58
N GLN E 114 42.92 -11.24 -24.42
CA GLN E 114 43.59 -11.36 -23.13
C GLN E 114 44.14 -10.03 -22.62
N HIS E 115 43.78 -8.91 -23.25
CA HIS E 115 44.20 -7.58 -22.80
C HIS E 115 42.98 -6.76 -22.42
N HIS E 116 43.17 -5.80 -21.52
CA HIS E 116 42.03 -5.06 -20.98
C HIS E 116 41.41 -4.17 -22.06
N ASN E 117 40.08 -4.16 -22.10
CA ASN E 117 39.34 -3.40 -23.09
C ASN E 117 38.05 -2.85 -22.48
N LEU E 118 37.48 -1.89 -23.19
CA LEU E 118 36.18 -1.32 -22.86
C LEU E 118 35.19 -1.81 -23.91
N LEU E 119 34.19 -2.58 -23.48
CA LEU E 119 33.11 -3.02 -24.35
C LEU E 119 32.02 -1.96 -24.36
N VAL E 120 31.69 -1.44 -25.54
CA VAL E 120 30.76 -0.33 -25.65
C VAL E 120 29.40 -0.86 -26.11
N CYS E 121 28.36 -0.54 -25.34
CA CYS E 121 26.97 -0.71 -25.77
C CYS E 121 26.45 0.69 -26.07
N SER E 122 26.22 0.95 -27.35
CA SER E 122 25.71 2.23 -27.84
C SER E 122 24.22 2.11 -28.09
N VAL E 123 23.42 2.91 -27.38
CA VAL E 123 21.98 2.99 -27.60
C VAL E 123 21.68 4.39 -28.11
N SER E 124 21.28 4.50 -29.37
CA SER E 124 21.14 5.83 -29.96
C SER E 124 19.78 6.00 -30.60
N GLY E 125 19.34 7.27 -30.63
CA GLY E 125 18.15 7.67 -31.37
C GLY E 125 16.83 7.35 -30.72
N PHE E 126 16.77 7.23 -29.39
CA PHE E 126 15.55 6.81 -28.72
C PHE E 126 14.88 7.95 -27.98
N TYR E 127 13.56 7.79 -27.80
CA TYR E 127 12.73 8.71 -27.05
C TYR E 127 11.58 7.87 -26.50
N PRO E 128 11.21 8.03 -25.23
CA PRO E 128 11.72 9.04 -24.29
C PRO E 128 13.03 8.62 -23.61
N GLY E 129 13.44 9.36 -22.57
CA GLY E 129 14.76 9.23 -21.99
C GLY E 129 14.93 8.14 -20.96
N SER E 130 13.84 7.58 -20.46
CA SER E 130 13.94 6.48 -19.50
C SER E 130 14.44 5.24 -20.23
N ILE E 131 15.58 4.71 -19.79
CA ILE E 131 16.16 3.54 -20.42
C ILE E 131 16.93 2.77 -19.37
N GLU E 132 17.08 1.46 -19.58
CA GLU E 132 17.82 0.65 -18.64
C GLU E 132 18.75 -0.26 -19.44
N VAL E 133 20.05 -0.19 -19.16
CA VAL E 133 21.04 -0.95 -19.90
C VAL E 133 21.83 -1.81 -18.92
N ARG E 134 21.95 -3.10 -19.22
CA ARG E 134 22.68 -4.04 -18.38
C ARG E 134 23.62 -4.91 -19.20
N TRP E 135 24.73 -5.27 -18.58
CA TRP E 135 25.75 -6.12 -19.17
C TRP E 135 25.72 -7.51 -18.55
N PHE E 136 26.02 -8.51 -19.37
CA PHE E 136 26.12 -9.89 -18.94
C PHE E 136 27.37 -10.53 -19.54
N ARG E 137 28.08 -11.31 -18.73
CA ARG E 137 29.21 -12.11 -19.19
C ARG E 137 28.82 -13.57 -19.03
N ASN E 138 28.62 -14.27 -20.15
CA ASN E 138 28.20 -15.67 -20.15
C ASN E 138 26.93 -15.88 -19.34
N GLY E 139 25.99 -14.93 -19.46
CA GLY E 139 24.73 -15.03 -18.76
C GLY E 139 24.74 -14.46 -17.37
N GLN E 140 25.90 -14.06 -16.87
CA GLN E 140 26.06 -13.54 -15.52
C GLN E 140 26.07 -12.02 -15.58
N GLU E 141 25.24 -11.38 -14.75
CA GLU E 141 25.16 -9.93 -14.80
C GLU E 141 26.38 -9.31 -14.14
N GLU E 142 27.10 -8.48 -14.89
CA GLU E 142 28.20 -7.68 -14.34
C GLU E 142 27.64 -6.34 -13.93
N LYS E 143 27.57 -6.10 -12.62
CA LYS E 143 27.14 -4.82 -12.10
C LYS E 143 28.33 -4.00 -11.60
N ALA E 144 29.54 -4.40 -11.97
CA ALA E 144 30.76 -3.71 -11.60
C ALA E 144 31.54 -3.39 -12.87
N GLY E 145 32.39 -2.37 -12.78
CA GLY E 145 33.18 -1.99 -13.93
C GLY E 145 32.38 -1.45 -15.08
N VAL E 146 31.19 -0.94 -14.82
CA VAL E 146 30.32 -0.34 -15.84
C VAL E 146 30.53 1.16 -15.79
N VAL E 147 30.92 1.72 -16.92
CA VAL E 147 31.22 3.15 -17.04
C VAL E 147 30.20 3.70 -18.04
N SER E 148 29.33 4.58 -17.58
CA SER E 148 28.29 5.12 -18.45
C SER E 148 28.51 6.60 -18.69
N THR E 149 28.12 7.06 -19.87
CA THR E 149 28.15 8.48 -20.16
C THR E 149 26.94 9.20 -19.59
N GLY E 150 25.87 8.48 -19.27
CA GLY E 150 24.62 9.10 -18.90
C GLY E 150 23.76 9.42 -20.11
N LEU E 151 22.64 10.08 -19.83
CA LEU E 151 21.71 10.48 -20.87
C LEU E 151 22.24 11.71 -21.60
N ILE E 152 22.34 11.60 -22.93
CA ILE E 152 22.74 12.72 -23.78
C ILE E 152 21.50 13.13 -24.57
N GLN E 153 21.10 14.38 -24.43
CA GLN E 153 20.01 14.92 -25.22
C GLN E 153 20.58 15.51 -26.50
N ASN E 154 20.16 14.96 -27.65
CA ASN E 154 20.71 15.43 -28.91
C ASN E 154 20.07 16.74 -29.37
N GLY E 155 18.96 17.16 -28.76
CA GLY E 155 18.32 18.40 -29.15
C GLY E 155 17.35 18.26 -30.29
N ASP E 156 17.20 17.06 -30.85
CA ASP E 156 16.26 16.79 -31.93
C ASP E 156 15.22 15.76 -31.54
N TRP E 157 14.86 15.70 -30.25
CA TRP E 157 13.90 14.74 -29.70
C TRP E 157 14.41 13.30 -29.79
N THR E 158 15.73 13.13 -29.62
CA THR E 158 16.33 11.81 -29.48
C THR E 158 17.36 11.85 -28.36
N PHE E 159 17.60 10.69 -27.77
CA PHE E 159 18.62 10.51 -26.74
C PHE E 159 19.64 9.48 -27.20
N GLN E 160 20.83 9.52 -26.58
CA GLN E 160 21.82 8.48 -26.78
C GLN E 160 22.58 8.22 -25.49
N THR E 161 23.14 7.02 -25.39
CA THR E 161 23.94 6.61 -24.24
C THR E 161 25.01 5.63 -24.69
N LEU E 162 26.18 5.71 -24.07
CA LEU E 162 27.24 4.72 -24.21
C LEU E 162 27.44 4.10 -22.83
N VAL E 163 27.16 2.80 -22.70
CA VAL E 163 27.39 2.08 -21.46
C VAL E 163 28.51 1.07 -21.71
N MET E 164 29.61 1.19 -20.99
CA MET E 164 30.83 0.46 -21.28
C MET E 164 31.17 -0.48 -20.14
N LEU E 165 31.70 -1.64 -20.48
CA LEU E 165 32.07 -2.67 -19.53
C LEU E 165 33.59 -2.82 -19.55
N GLU E 166 34.22 -2.72 -18.39
CA GLU E 166 35.64 -2.97 -18.31
C GLU E 166 35.84 -4.48 -18.28
N THR E 167 36.55 -5.01 -19.27
CA THR E 167 36.67 -6.46 -19.35
C THR E 167 38.08 -6.83 -19.77
N VAL E 168 38.43 -8.08 -19.50
CA VAL E 168 39.61 -8.68 -20.10
C VAL E 168 39.11 -9.85 -20.94
N PRO E 169 38.82 -9.62 -22.23
CA PRO E 169 38.15 -10.66 -23.03
C PRO E 169 39.04 -11.86 -23.25
N ARG E 170 38.50 -13.04 -22.96
CA ARG E 170 39.10 -14.32 -23.32
C ARG E 170 38.27 -14.99 -24.40
N SER E 171 38.90 -15.84 -25.19
CA SER E 171 38.19 -16.48 -26.29
C SER E 171 37.15 -17.46 -25.78
N GLY E 172 35.97 -17.44 -26.40
CA GLY E 172 34.84 -18.25 -25.99
C GLY E 172 33.83 -17.51 -25.14
N GLU E 173 34.23 -16.39 -24.53
CA GLU E 173 33.32 -15.60 -23.72
C GLU E 173 32.28 -14.92 -24.60
N VAL E 174 31.05 -14.86 -24.09
CA VAL E 174 29.95 -14.18 -24.77
C VAL E 174 29.44 -13.08 -23.87
N TYR E 175 29.54 -11.83 -24.34
CA TYR E 175 29.01 -10.70 -23.59
C TYR E 175 27.71 -10.22 -24.23
N THR E 176 26.75 -9.82 -23.41
CA THR E 176 25.43 -9.46 -23.90
C THR E 176 24.99 -8.15 -23.27
N CYS E 177 24.51 -7.23 -24.12
CA CYS E 177 23.95 -5.96 -23.68
C CYS E 177 22.44 -6.05 -23.81
N GLN E 178 21.74 -5.82 -22.71
CA GLN E 178 20.29 -5.87 -22.65
C GLN E 178 19.76 -4.47 -22.35
N VAL E 179 18.82 -4.01 -23.17
CA VAL E 179 18.28 -2.66 -23.12
C VAL E 179 16.77 -2.78 -22.93
N GLU E 180 16.24 -1.98 -22.02
CA GLU E 180 14.80 -1.93 -21.75
C GLU E 180 14.35 -0.48 -21.92
N HIS E 181 13.38 -0.28 -22.79
CA HIS E 181 12.87 1.04 -23.16
C HIS E 181 11.36 0.95 -23.35
N PRO E 182 10.63 2.02 -23.03
CA PRO E 182 9.17 2.01 -23.22
C PRO E 182 8.71 1.75 -24.65
N SER E 183 9.62 1.75 -25.64
CA SER E 183 9.25 1.58 -27.04
C SER E 183 9.27 0.13 -27.50
N VAL E 184 9.66 -0.80 -26.64
CA VAL E 184 9.77 -2.21 -27.02
C VAL E 184 8.99 -3.03 -26.00
N THR E 185 8.33 -4.09 -26.49
CA THR E 185 7.56 -4.95 -25.59
C THR E 185 8.48 -5.90 -24.85
N SER E 186 9.49 -6.42 -25.51
CA SER E 186 10.49 -7.30 -24.95
C SER E 186 11.85 -6.62 -24.93
N PRO E 187 12.71 -6.93 -23.97
CA PRO E 187 14.04 -6.30 -23.93
C PRO E 187 14.83 -6.60 -25.19
N LEU E 188 15.60 -5.60 -25.64
CA LEU E 188 16.50 -5.75 -26.77
C LEU E 188 17.83 -6.30 -26.29
N THR E 189 18.38 -7.26 -27.03
CA THR E 189 19.62 -7.92 -26.63
C THR E 189 20.56 -7.97 -27.82
N VAL E 190 21.78 -7.48 -27.64
CA VAL E 190 22.83 -7.59 -28.64
C VAL E 190 24.01 -8.29 -28.00
N GLU E 191 24.57 -9.28 -28.69
CA GLU E 191 25.67 -10.05 -28.13
C GLU E 191 26.93 -9.85 -28.94
N TRP E 192 28.07 -9.99 -28.25
CA TRP E 192 29.39 -9.91 -28.86
C TRP E 192 30.21 -11.07 -28.35
N ARG E 193 30.80 -11.83 -29.28
CA ARG E 193 31.57 -13.02 -28.95
C ARG E 193 33.05 -12.70 -29.05
N ALA E 194 33.77 -12.91 -27.95
CA ALA E 194 35.20 -12.64 -27.91
C ALA E 194 35.96 -13.66 -28.78
N THR F 1 -6.28 20.35 -37.10
CA THR F 1 -5.22 20.53 -36.12
C THR F 1 -5.71 21.31 -34.90
N GLN F 2 -5.17 20.97 -33.74
CA GLN F 2 -5.51 21.65 -32.51
C GLN F 2 -4.69 22.94 -32.35
N LEU F 3 -5.23 23.86 -31.56
CA LEU F 3 -4.64 25.18 -31.37
C LEU F 3 -3.90 25.22 -30.05
N ASN F 4 -2.65 25.66 -30.09
CA ASN F 4 -1.84 25.79 -28.89
C ASN F 4 -2.03 27.18 -28.28
N ARG F 5 -2.31 27.23 -26.98
CA ARG F 5 -2.60 28.48 -26.30
C ARG F 5 -1.36 29.04 -25.61
N ALA F 6 -1.33 30.37 -25.48
CA ALA F 6 -0.23 31.09 -24.88
C ALA F 6 -0.75 32.11 -23.88
N LEU F 7 -0.10 32.18 -22.73
CA LEU F 7 -0.34 33.26 -21.79
C LEU F 7 0.41 34.52 -22.24
N THR F 8 -0.03 35.66 -21.74
CA THR F 8 0.58 36.94 -22.10
C THR F 8 1.18 37.58 -20.86
N GLY F 9 2.29 38.28 -21.07
CA GLY F 9 2.95 38.95 -19.96
C GLY F 9 2.17 40.17 -19.51
N ILE F 10 2.36 40.54 -18.24
CA ILE F 10 1.68 41.69 -17.65
C ILE F 10 2.62 42.89 -17.69
N ALA F 11 2.06 44.07 -17.94
CA ALA F 11 2.87 45.29 -17.88
C ALA F 11 3.40 45.46 -16.47
N VAL F 12 4.68 45.79 -16.37
CA VAL F 12 5.31 45.86 -15.06
C VAL F 12 5.00 47.21 -14.43
N GLU F 13 5.03 47.25 -13.10
CA GLU F 13 4.75 48.50 -12.39
C GLU F 13 5.74 49.57 -12.83
N GLN F 14 5.23 50.62 -13.48
CA GLN F 14 6.07 51.70 -14.01
C GLN F 14 6.36 52.68 -12.88
N ASP F 15 7.34 52.32 -12.05
CA ASP F 15 7.75 53.10 -10.89
C ASP F 15 6.55 53.44 -10.01
N LYS G 3 9.95 -13.28 -0.32
CA LYS G 3 11.04 -13.16 -1.27
C LYS G 3 12.21 -14.09 -0.91
N GLU G 4 11.95 -15.40 -0.98
CA GLU G 4 12.89 -16.42 -0.50
C GLU G 4 13.39 -16.07 0.90
N GLU G 5 12.48 -15.49 1.68
CA GLU G 5 12.81 -14.85 2.94
C GLU G 5 12.63 -15.83 4.09
N HIS G 6 13.44 -15.65 5.12
CA HIS G 6 13.25 -16.32 6.40
C HIS G 6 13.41 -15.26 7.47
N VAL G 7 12.63 -15.36 8.53
CA VAL G 7 12.63 -14.36 9.60
C VAL G 7 12.80 -15.07 10.93
N ILE G 8 13.75 -14.61 11.72
CA ILE G 8 13.91 -15.06 13.11
C ILE G 8 13.57 -13.88 14.00
N ILE G 9 12.63 -14.09 14.92
CA ILE G 9 12.15 -13.04 15.80
C ILE G 9 12.43 -13.42 17.25
N GLN G 10 13.05 -12.51 17.99
CA GLN G 10 13.17 -12.64 19.43
C GLN G 10 12.11 -11.72 20.04
N ALA G 11 11.10 -12.31 20.67
CA ALA G 11 9.95 -11.56 21.17
C ALA G 11 9.91 -11.62 22.70
N GLU G 12 9.80 -10.45 23.32
CA GLU G 12 9.66 -10.32 24.76
C GLU G 12 8.46 -9.45 25.07
N PHE G 13 7.80 -9.75 26.18
CA PHE G 13 6.79 -8.83 26.67
C PHE G 13 6.73 -8.89 28.19
N TYR G 14 6.30 -7.78 28.78
CA TYR G 14 5.94 -7.70 30.19
C TYR G 14 4.60 -7.01 30.29
N LEU G 15 3.72 -7.56 31.13
CA LEU G 15 2.35 -7.08 31.28
C LEU G 15 2.04 -6.79 32.75
N ASN G 16 1.60 -5.56 33.01
CA ASN G 16 1.12 -5.06 34.28
C ASN G 16 -0.38 -4.80 34.19
N PRO G 17 -1.13 -5.01 35.29
CA PRO G 17 -0.65 -5.36 36.63
C PRO G 17 -0.49 -6.86 36.83
N ASP G 18 -0.65 -7.63 35.76
CA ASP G 18 -0.57 -9.09 35.91
C ASP G 18 0.83 -9.55 36.28
N GLN G 19 1.84 -8.71 36.06
CA GLN G 19 3.24 -9.06 36.28
C GLN G 19 3.59 -10.36 35.54
N SER G 20 3.21 -10.42 34.28
CA SER G 20 3.45 -11.62 33.48
C SER G 20 4.46 -11.28 32.39
N GLY G 21 5.52 -12.08 32.29
CA GLY G 21 6.55 -11.85 31.30
C GLY G 21 6.69 -13.01 30.34
N GLU G 22 7.33 -12.76 29.20
CA GLU G 22 7.60 -13.83 28.25
C GLU G 22 8.80 -13.49 27.39
N PHE G 23 9.59 -14.51 27.10
CA PHE G 23 10.80 -14.43 26.27
C PHE G 23 10.82 -15.65 25.35
N MET G 24 10.79 -15.43 24.04
CA MET G 24 10.72 -16.54 23.11
C MET G 24 11.40 -16.20 21.79
N PHE G 25 11.70 -17.24 21.02
CA PHE G 25 12.23 -17.13 19.67
C PHE G 25 11.28 -17.78 18.67
N ASP G 26 11.20 -17.20 17.48
CA ASP G 26 10.23 -17.57 16.46
C ASP G 26 10.95 -17.70 15.13
N PHE G 27 10.63 -18.74 14.36
CA PHE G 27 11.19 -18.95 13.03
C PHE G 27 10.03 -19.12 12.04
N ASP G 28 9.86 -18.13 11.16
CA ASP G 28 8.85 -18.18 10.11
C ASP G 28 7.46 -18.51 10.67
N GLY G 29 7.17 -18.02 11.89
CA GLY G 29 5.88 -18.19 12.51
C GLY G 29 5.80 -19.29 13.55
N ASP G 30 6.83 -20.11 13.68
CA ASP G 30 6.84 -21.21 14.63
C ASP G 30 7.78 -20.91 15.78
N GLU G 31 7.38 -21.28 16.99
CA GLU G 31 8.20 -21.04 18.16
C GLU G 31 9.39 -21.99 18.18
N ILE G 32 10.59 -21.43 18.34
CA ILE G 32 11.78 -22.26 18.50
C ILE G 32 11.90 -22.72 19.96
N PHE G 33 11.83 -21.76 20.88
CA PHE G 33 11.91 -22.04 22.30
C PHE G 33 11.40 -20.82 23.05
N HIS G 34 11.14 -21.03 24.34
CA HIS G 34 10.82 -19.93 25.23
C HIS G 34 11.50 -20.22 26.57
N VAL G 35 11.67 -19.18 27.37
CA VAL G 35 12.27 -19.34 28.69
C VAL G 35 11.16 -19.37 29.71
N ASP G 36 11.17 -20.41 30.56
CA ASP G 36 10.25 -20.51 31.68
C ASP G 36 10.75 -19.59 32.80
N MET G 37 10.03 -18.50 33.05
CA MET G 37 10.44 -17.52 34.04
C MET G 37 10.46 -18.11 35.44
N ALA G 38 9.53 -19.02 35.75
CA ALA G 38 9.49 -19.65 37.06
C ALA G 38 10.60 -20.67 37.23
N LYS G 39 10.63 -21.68 36.37
CA LYS G 39 11.64 -22.73 36.51
C LYS G 39 13.03 -22.28 36.08
N LYS G 40 13.16 -21.06 35.54
CA LYS G 40 14.43 -20.51 35.05
C LYS G 40 15.14 -21.52 34.14
N GLU G 41 14.40 -22.01 33.15
CA GLU G 41 14.93 -23.01 32.22
C GLU G 41 14.46 -22.73 30.82
N THR G 42 15.31 -23.09 29.85
CA THR G 42 14.98 -22.97 28.44
C THR G 42 14.13 -24.17 28.03
N VAL G 43 12.98 -23.90 27.41
CA VAL G 43 12.02 -24.91 26.98
C VAL G 43 11.96 -24.90 25.46
N TRP G 44 12.41 -25.99 24.85
CA TRP G 44 12.44 -26.12 23.40
C TRP G 44 11.11 -26.65 22.87
N ARG G 45 10.64 -26.05 21.77
CA ARG G 45 9.33 -26.41 21.23
C ARG G 45 9.27 -27.87 20.82
N LEU G 46 10.29 -28.35 20.12
CA LEU G 46 10.49 -29.77 19.85
C LEU G 46 11.73 -30.22 20.60
N GLU G 47 11.65 -31.41 21.21
CA GLU G 47 12.74 -31.89 22.04
C GLU G 47 14.05 -31.98 21.25
N GLU G 48 13.98 -32.49 20.01
CA GLU G 48 15.14 -32.60 19.14
C GLU G 48 15.97 -31.32 19.11
N PHE G 49 15.31 -30.15 19.15
CA PHE G 49 16.03 -28.88 19.05
C PHE G 49 17.11 -28.75 20.12
N GLY G 50 16.88 -29.29 21.32
CA GLY G 50 17.88 -29.16 22.36
C GLY G 50 19.15 -29.94 22.10
N ARG G 51 19.15 -30.86 21.13
CA ARG G 51 20.33 -31.65 20.80
C ARG G 51 21.31 -30.88 19.92
N PHE G 52 20.95 -29.69 19.46
CA PHE G 52 21.78 -28.92 18.54
C PHE G 52 21.99 -27.48 18.96
N ALA G 53 21.17 -26.94 19.86
CA ALA G 53 21.24 -25.54 20.25
C ALA G 53 21.00 -25.44 21.74
N SER G 54 21.48 -24.34 22.34
CA SER G 54 21.33 -24.12 23.76
C SER G 54 21.16 -22.64 24.03
N PHE G 55 20.60 -22.34 25.20
CA PHE G 55 20.42 -20.96 25.63
C PHE G 55 20.34 -20.93 27.15
N GLU G 56 21.13 -20.07 27.78
CA GLU G 56 21.12 -19.94 29.23
C GLU G 56 20.04 -18.93 29.62
N ALA G 57 19.12 -19.35 30.49
CA ALA G 57 17.87 -18.63 30.75
C ALA G 57 18.05 -17.36 31.59
N GLN G 58 19.15 -17.25 32.34
CA GLN G 58 19.38 -16.08 33.18
C GLN G 58 19.42 -14.79 32.36
N GLY G 59 19.94 -14.85 31.14
CA GLY G 59 19.91 -13.68 30.29
C GLY G 59 18.50 -13.23 29.98
N ALA G 60 17.61 -14.19 29.74
CA ALA G 60 16.21 -13.87 29.50
C ALA G 60 15.58 -13.21 30.73
N LEU G 61 15.91 -13.71 31.92
CA LEU G 61 15.43 -13.05 33.14
C LEU G 61 15.89 -11.60 33.22
N ALA G 62 17.18 -11.35 32.95
CA ALA G 62 17.69 -9.98 32.95
C ALA G 62 16.92 -9.10 31.95
N ASN G 63 16.69 -9.62 30.74
CA ASN G 63 15.93 -8.85 29.75
C ASN G 63 14.54 -8.52 30.25
N ILE G 64 13.86 -9.50 30.87
CA ILE G 64 12.51 -9.25 31.38
C ILE G 64 12.53 -8.17 32.45
N ALA G 65 13.57 -8.16 33.29
CA ALA G 65 13.73 -7.07 34.25
C ALA G 65 13.78 -5.71 33.56
N VAL G 66 14.65 -5.59 32.56
CA VAL G 66 14.72 -4.33 31.80
C VAL G 66 13.36 -3.98 31.23
N ASP G 67 12.65 -4.98 30.67
CA ASP G 67 11.34 -4.74 30.06
C ASP G 67 10.34 -4.21 31.07
N LYS G 68 10.27 -4.83 32.24
CA LYS G 68 9.40 -4.34 33.30
C LYS G 68 9.70 -2.86 33.60
N ALA G 69 10.98 -2.55 33.80
CA ALA G 69 11.35 -1.16 34.09
C ALA G 69 10.91 -0.21 32.97
N ASN G 70 11.14 -0.62 31.72
CA ASN G 70 10.76 0.24 30.59
C ASN G 70 9.25 0.41 30.55
N LEU G 71 8.50 -0.66 30.82
CA LEU G 71 7.04 -0.59 30.82
C LEU G 71 6.56 0.43 31.83
N GLU G 72 7.08 0.34 33.06
CA GLU G 72 6.62 1.26 34.09
C GLU G 72 7.05 2.70 33.79
N ILE G 73 8.11 2.90 33.01
CA ILE G 73 8.43 4.27 32.58
C ILE G 73 7.46 4.73 31.48
N MET G 74 7.26 3.89 30.47
CA MET G 74 6.41 4.24 29.34
C MET G 74 4.97 4.47 29.75
N THR G 75 4.46 3.64 30.67
CA THR G 75 3.11 3.82 31.19
C THR G 75 2.91 5.21 31.75
N LYS G 76 3.84 5.65 32.60
CA LYS G 76 3.75 7.01 33.15
C LYS G 76 3.85 8.04 32.04
N ARG G 77 4.75 7.81 31.07
CA ARG G 77 4.89 8.78 29.99
C ARG G 77 3.64 8.87 29.12
N SER G 78 2.85 7.80 29.02
CA SER G 78 1.62 7.84 28.26
C SER G 78 0.44 8.34 29.09
N ASN G 79 0.70 8.82 30.30
CA ASN G 79 -0.35 9.23 31.24
C ASN G 79 -1.27 8.05 31.56
N TYR G 80 -0.68 6.86 31.69
CA TYR G 80 -1.40 5.64 32.05
C TYR G 80 -2.56 5.36 31.07
N THR G 81 -2.22 5.38 29.79
CA THR G 81 -3.17 5.02 28.75
C THR G 81 -3.29 3.51 28.73
N PRO G 82 -4.48 2.94 28.93
CA PRO G 82 -4.59 1.48 28.98
C PRO G 82 -4.65 0.90 27.57
N ILE G 83 -4.43 -0.41 27.51
CA ILE G 83 -4.47 -1.12 26.24
C ILE G 83 -5.93 -1.40 25.90
N THR G 84 -6.23 -1.41 24.60
CA THR G 84 -7.56 -1.75 24.13
C THR G 84 -7.66 -3.25 23.96
N ASN G 85 -8.63 -3.86 24.64
CA ASN G 85 -8.86 -5.29 24.48
C ASN G 85 -9.30 -5.59 23.06
N VAL G 86 -8.59 -6.49 22.40
CA VAL G 86 -8.97 -7.00 21.09
C VAL G 86 -9.36 -8.46 21.25
N PRO G 87 -10.62 -8.83 21.00
CA PRO G 87 -11.05 -10.20 21.25
C PRO G 87 -10.40 -11.15 20.26
N PRO G 88 -10.20 -12.41 20.65
CA PRO G 88 -9.58 -13.38 19.74
C PRO G 88 -10.58 -14.03 18.81
N GLU G 89 -10.06 -14.48 17.67
CA GLU G 89 -10.75 -15.43 16.80
C GLU G 89 -10.33 -16.83 17.22
N VAL G 90 -11.30 -17.73 17.34
CA VAL G 90 -11.02 -19.10 17.78
C VAL G 90 -11.43 -20.08 16.68
N THR G 91 -10.55 -21.03 16.39
CA THR G 91 -10.82 -22.07 15.41
C THR G 91 -10.42 -23.42 15.99
N VAL G 92 -11.17 -24.47 15.68
CA VAL G 92 -10.82 -25.83 16.08
C VAL G 92 -10.63 -26.67 14.83
N LEU G 93 -9.47 -27.29 14.70
CA LEU G 93 -9.12 -28.18 13.59
C LEU G 93 -8.52 -29.46 14.15
N THR G 94 -8.23 -30.39 13.25
CA THR G 94 -7.49 -31.59 13.62
C THR G 94 -6.14 -31.57 12.91
N ASN G 95 -5.20 -32.37 13.43
CA ASN G 95 -3.88 -32.45 12.81
C ASN G 95 -3.93 -33.14 11.45
N SER G 96 -4.77 -34.17 11.33
CA SER G 96 -4.89 -34.96 10.10
C SER G 96 -6.35 -35.33 9.90
N PRO G 97 -6.73 -35.88 8.74
CA PRO G 97 -8.11 -36.36 8.59
C PRO G 97 -8.48 -37.36 9.68
N VAL G 98 -9.66 -37.17 10.25
CA VAL G 98 -10.09 -37.96 11.40
C VAL G 98 -10.55 -39.34 10.96
N GLU G 99 -10.06 -40.38 11.65
CA GLU G 99 -10.58 -41.72 11.48
C GLU G 99 -10.78 -42.37 12.84
N LEU G 100 -11.83 -43.18 12.94
CA LEU G 100 -12.23 -43.75 14.22
C LEU G 100 -11.13 -44.63 14.80
N ARG G 101 -10.95 -44.50 16.12
CA ARG G 101 -9.96 -45.24 16.91
CA ARG G 101 -9.96 -45.24 16.91
C ARG G 101 -8.53 -45.04 16.40
N GLU G 102 -8.31 -44.09 15.50
CA GLU G 102 -6.96 -43.77 15.04
C GLU G 102 -6.55 -42.45 15.69
N PRO G 103 -5.60 -42.47 16.62
CA PRO G 103 -5.32 -41.29 17.46
C PRO G 103 -5.05 -40.03 16.64
N ASN G 104 -5.51 -38.90 17.16
CA ASN G 104 -5.38 -37.63 16.46
C ASN G 104 -5.19 -36.52 17.50
N VAL G 105 -5.14 -35.28 17.02
CA VAL G 105 -4.93 -34.11 17.88
C VAL G 105 -5.92 -33.01 17.48
N LEU G 106 -6.65 -32.49 18.46
CA LEU G 106 -7.49 -31.32 18.27
C LEU G 106 -6.66 -30.07 18.55
N ILE G 107 -6.66 -29.14 17.61
CA ILE G 107 -5.94 -27.88 17.70
C ILE G 107 -6.96 -26.77 17.87
N CYS G 108 -6.81 -26.01 18.95
CA CYS G 108 -7.55 -24.78 19.16
C CYS G 108 -6.59 -23.64 18.85
N PHE G 109 -6.84 -22.96 17.73
CA PHE G 109 -6.02 -21.83 17.30
C PHE G 109 -6.72 -20.53 17.69
N ILE G 110 -6.05 -19.75 18.54
CA ILE G 110 -6.55 -18.49 19.06
C ILE G 110 -5.70 -17.38 18.44
N ASP G 111 -6.32 -16.44 17.74
CA ASP G 111 -5.54 -15.53 16.91
C ASP G 111 -6.05 -14.10 17.02
N LYS G 112 -5.13 -13.16 16.81
CA LYS G 112 -5.44 -11.74 16.61
C LYS G 112 -6.11 -11.13 17.83
N PHE G 113 -5.41 -11.21 18.96
CA PHE G 113 -5.95 -10.73 20.22
C PHE G 113 -4.85 -10.07 21.03
N THR G 114 -5.28 -9.24 21.99
CA THR G 114 -4.42 -8.59 22.96
C THR G 114 -5.30 -8.05 24.10
N PRO G 115 -4.80 -8.00 25.35
CA PRO G 115 -3.47 -8.36 25.84
C PRO G 115 -3.24 -9.87 25.84
N PRO G 116 -1.99 -10.33 26.03
CA PRO G 116 -1.71 -11.79 26.02
C PRO G 116 -2.11 -12.47 27.32
N VAL G 117 -3.41 -12.49 27.58
CA VAL G 117 -4.01 -13.24 28.68
C VAL G 117 -5.23 -13.95 28.13
N VAL G 118 -5.30 -15.26 28.37
CA VAL G 118 -6.42 -16.05 27.87
C VAL G 118 -6.58 -17.26 28.78
N ASN G 119 -7.83 -17.67 29.02
CA ASN G 119 -8.13 -18.89 29.76
C ASN G 119 -8.81 -19.87 28.81
N VAL G 120 -8.16 -20.99 28.56
CA VAL G 120 -8.61 -21.98 27.58
C VAL G 120 -8.93 -23.28 28.30
N THR G 121 -10.06 -23.88 27.96
CA THR G 121 -10.49 -25.15 28.53
C THR G 121 -10.96 -26.08 27.42
N TRP G 122 -10.49 -27.32 27.43
CA TRP G 122 -11.02 -28.36 26.57
C TRP G 122 -12.17 -29.06 27.29
N LEU G 123 -13.27 -29.30 26.56
CA LEU G 123 -14.46 -29.93 27.11
C LEU G 123 -14.86 -31.10 26.23
N ARG G 124 -14.94 -32.29 26.82
CA ARG G 124 -15.51 -33.46 26.18
C ARG G 124 -16.86 -33.75 26.80
N ASN G 125 -17.91 -33.74 25.96
CA ASN G 125 -19.29 -33.98 26.40
C ASN G 125 -19.70 -33.02 27.52
N GLY G 126 -19.27 -31.76 27.39
CA GLY G 126 -19.62 -30.75 28.36
C GLY G 126 -18.79 -30.77 29.63
N LYS G 127 -17.77 -31.63 29.72
CA LYS G 127 -16.99 -31.72 30.94
C LYS G 127 -15.51 -31.43 30.67
N PRO G 128 -14.83 -30.69 31.54
CA PRO G 128 -13.44 -30.33 31.27
C PRO G 128 -12.54 -31.56 31.26
N VAL G 129 -11.77 -31.69 30.18
CA VAL G 129 -10.79 -32.75 30.01
C VAL G 129 -9.40 -32.15 30.11
N THR G 130 -8.53 -32.79 30.88
CA THR G 130 -7.21 -32.24 31.17
C THR G 130 -6.06 -33.17 30.85
N THR G 131 -6.32 -34.36 30.31
CA THR G 131 -5.26 -35.33 30.13
C THR G 131 -4.71 -35.18 28.72
N GLY G 132 -3.38 -35.10 28.62
CA GLY G 132 -2.75 -34.88 27.35
C GLY G 132 -2.76 -33.45 26.85
N VAL G 133 -3.23 -32.48 27.64
CA VAL G 133 -3.40 -31.14 27.11
C VAL G 133 -2.06 -30.45 27.03
N SER G 134 -1.82 -29.73 25.93
CA SER G 134 -0.60 -28.98 25.72
C SER G 134 -0.95 -27.59 25.21
N GLU G 135 0.03 -26.68 25.22
CA GLU G 135 -0.21 -25.34 24.72
C GLU G 135 1.12 -24.67 24.39
N THR G 136 1.09 -23.77 23.42
CA THR G 136 2.25 -22.95 23.14
C THR G 136 2.19 -21.69 24.00
N VAL G 137 3.25 -20.90 23.93
CA VAL G 137 3.26 -19.61 24.60
C VAL G 137 2.57 -18.63 23.66
N PHE G 138 2.54 -17.36 24.01
CA PHE G 138 1.95 -16.36 23.13
C PHE G 138 2.90 -16.07 21.96
N LEU G 139 2.40 -16.23 20.74
CA LEU G 139 3.31 -16.05 19.60
C LEU G 139 3.13 -14.68 18.98
N PRO G 140 4.22 -14.10 18.52
CA PRO G 140 4.16 -12.73 18.00
C PRO G 140 3.50 -12.65 16.64
N ARG G 141 2.86 -11.50 16.40
CA ARG G 141 2.24 -11.19 15.12
C ARG G 141 2.77 -9.85 14.63
N GLU G 142 2.74 -9.66 13.31
CA GLU G 142 3.28 -8.43 12.74
C GLU G 142 2.45 -7.21 13.14
N ASP G 143 1.13 -7.37 13.31
CA ASP G 143 0.30 -6.28 13.81
C ASP G 143 0.40 -6.09 15.32
N HIS G 144 1.33 -6.81 15.96
CA HIS G 144 1.61 -6.74 17.40
C HIS G 144 0.48 -7.31 18.25
N LEU G 145 -0.39 -8.13 17.64
CA LEU G 145 -1.34 -8.94 18.36
C LEU G 145 -0.69 -10.29 18.66
N PHE G 146 -1.47 -11.29 19.06
CA PHE G 146 -0.89 -12.55 19.49
C PHE G 146 -1.64 -13.73 18.91
N ARG G 147 -0.91 -14.85 18.78
CA ARG G 147 -1.46 -16.15 18.46
C ARG G 147 -1.18 -17.10 19.62
N LYS G 148 -1.96 -18.17 19.68
CA LYS G 148 -1.75 -19.22 20.67
C LYS G 148 -2.36 -20.50 20.14
N PHE G 149 -1.72 -21.62 20.47
CA PHE G 149 -2.19 -22.94 20.06
C PHE G 149 -2.41 -23.78 21.30
N HIS G 150 -3.57 -24.42 21.40
CA HIS G 150 -3.83 -25.39 22.44
C HIS G 150 -4.12 -26.74 21.79
N TYR G 151 -3.67 -27.81 22.44
CA TYR G 151 -3.70 -29.13 21.83
C TYR G 151 -4.33 -30.13 22.77
N LEU G 152 -5.24 -30.93 22.22
CA LEU G 152 -5.88 -32.03 22.96
C LEU G 152 -5.72 -33.29 22.11
N PRO G 153 -4.79 -34.16 22.44
CA PRO G 153 -4.76 -35.48 21.79
C PRO G 153 -5.98 -36.27 22.19
N PHE G 154 -6.53 -37.00 21.23
CA PHE G 154 -7.76 -37.72 21.49
C PHE G 154 -7.86 -38.93 20.59
N LEU G 155 -8.78 -39.82 20.96
CA LEU G 155 -9.10 -41.02 20.20
C LEU G 155 -10.48 -40.81 19.60
N PRO G 156 -10.59 -40.64 18.29
CA PRO G 156 -11.90 -40.34 17.67
C PRO G 156 -12.93 -41.41 17.98
N SER G 157 -14.11 -40.95 18.41
CA SER G 157 -15.24 -41.82 18.73
C SER G 157 -16.51 -41.20 18.20
N THR G 158 -17.54 -42.03 18.00
CA THR G 158 -18.83 -41.50 17.58
C THR G 158 -19.68 -41.02 18.75
N GLU G 159 -19.23 -41.21 19.98
CA GLU G 159 -20.02 -40.89 21.16
C GLU G 159 -19.51 -39.66 21.90
N ASP G 160 -18.42 -39.05 21.42
CA ASP G 160 -17.80 -37.93 22.10
C ASP G 160 -17.91 -36.71 21.20
N VAL G 161 -18.29 -35.58 21.79
CA VAL G 161 -18.24 -34.27 21.16
C VAL G 161 -17.23 -33.44 21.94
N TYR G 162 -16.63 -32.45 21.28
CA TYR G 162 -15.58 -31.66 21.88
C TYR G 162 -15.85 -30.17 21.72
N ASP G 163 -15.31 -29.39 22.65
CA ASP G 163 -15.42 -27.94 22.62
C ASP G 163 -14.13 -27.32 23.14
N CYS G 164 -13.73 -26.23 22.50
CA CYS G 164 -12.66 -25.36 23.00
C CYS G 164 -13.35 -24.10 23.53
N ARG G 165 -13.28 -23.90 24.85
CA ARG G 165 -13.85 -22.71 25.49
C ARG G 165 -12.75 -21.71 25.81
N VAL G 166 -12.84 -20.53 25.22
CA VAL G 166 -11.83 -19.48 25.33
C VAL G 166 -12.44 -18.29 26.06
N GLU G 167 -11.73 -17.80 27.06
CA GLU G 167 -12.14 -16.63 27.83
C GLU G 167 -11.07 -15.55 27.72
N HIS G 168 -11.52 -14.34 27.38
CA HIS G 168 -10.66 -13.18 27.17
C HIS G 168 -11.43 -11.94 27.59
N TRP G 169 -10.70 -10.92 28.08
CA TRP G 169 -11.34 -9.69 28.54
C TRP G 169 -12.02 -8.93 27.41
N GLY G 170 -11.79 -9.30 26.16
CA GLY G 170 -12.45 -8.65 25.05
C GLY G 170 -13.72 -9.31 24.60
N LEU G 171 -14.07 -10.43 25.22
CA LEU G 171 -15.28 -11.17 24.88
C LEU G 171 -16.36 -10.87 25.93
N ASP G 172 -17.59 -10.69 25.46
CA ASP G 172 -18.71 -10.49 26.38
C ASP G 172 -19.00 -11.78 27.14
N GLU G 173 -18.88 -12.91 26.46
CA GLU G 173 -19.13 -14.22 27.02
C GLU G 173 -18.04 -15.17 26.52
N PRO G 174 -17.78 -16.26 27.25
CA PRO G 174 -16.83 -17.26 26.75
C PRO G 174 -17.22 -17.75 25.37
N LEU G 175 -16.20 -17.97 24.54
CA LEU G 175 -16.39 -18.39 23.16
C LEU G 175 -16.08 -19.88 23.05
N LEU G 176 -17.07 -20.67 22.64
CA LEU G 176 -16.92 -22.11 22.49
C LEU G 176 -16.93 -22.46 21.01
N LYS G 177 -15.87 -23.13 20.56
CA LYS G 177 -15.84 -23.72 19.22
C LYS G 177 -16.02 -25.23 19.32
N HIS G 178 -16.93 -25.76 18.51
CA HIS G 178 -17.42 -27.13 18.63
C HIS G 178 -16.78 -28.02 17.57
N TRP G 179 -16.44 -29.25 17.96
CA TRP G 179 -15.99 -30.29 17.03
C TRP G 179 -16.72 -31.61 17.28
N GLU G 180 -17.15 -32.24 16.19
CA GLU G 180 -17.81 -33.54 16.23
C GLU G 180 -17.26 -34.38 15.08
N PHE G 181 -17.35 -35.69 15.24
CA PHE G 181 -17.10 -36.58 14.13
C PHE G 181 -18.38 -36.71 13.30
N ASP G 182 -18.30 -36.41 12.01
CA ASP G 182 -19.44 -36.57 11.12
C ASP G 182 -19.06 -37.45 9.92
N GLY H 5 -15.12 -9.92 38.38
CA GLY H 5 -14.35 -9.93 37.14
C GLY H 5 -13.28 -8.87 37.15
N ASP H 6 -12.09 -9.22 36.65
CA ASP H 6 -10.97 -8.30 36.65
C ASP H 6 -11.14 -7.31 35.50
N THR H 7 -11.33 -6.04 35.84
CA THR H 7 -11.46 -4.98 34.85
C THR H 7 -10.38 -3.92 34.97
N ARG H 8 -9.42 -4.08 35.87
CA ARG H 8 -8.36 -3.09 36.01
C ARG H 8 -7.63 -2.90 34.68
N PRO H 9 -7.22 -1.68 34.34
CA PRO H 9 -6.53 -1.45 33.08
C PRO H 9 -5.24 -2.25 33.00
N ARG H 10 -4.82 -2.51 31.78
CA ARG H 10 -3.61 -3.28 31.49
C ARG H 10 -2.64 -2.42 30.69
N PHE H 11 -1.35 -2.67 30.89
CA PHE H 11 -0.29 -1.93 30.22
C PHE H 11 0.74 -2.94 29.70
N LEU H 12 1.02 -2.88 28.40
CA LEU H 12 1.81 -3.90 27.73
C LEU H 12 3.02 -3.28 27.05
N TRP H 13 4.18 -3.87 27.28
CA TRP H 13 5.41 -3.47 26.61
C TRP H 13 5.95 -4.67 25.85
N GLN H 14 6.27 -4.48 24.58
CA GLN H 14 6.83 -5.54 23.74
C GLN H 14 8.13 -5.06 23.14
N LEU H 15 9.14 -5.92 23.18
CA LEU H 15 10.40 -5.71 22.51
C LEU H 15 10.58 -6.85 21.52
N LYS H 16 10.75 -6.50 20.24
CA LYS H 16 10.87 -7.50 19.19
C LYS H 16 12.15 -7.25 18.40
N PHE H 17 12.96 -8.30 18.24
CA PHE H 17 14.13 -8.28 17.37
C PHE H 17 13.83 -9.21 16.20
N GLU H 18 13.63 -8.64 15.01
CA GLU H 18 13.32 -9.41 13.80
C GLU H 18 14.55 -9.43 12.91
N CYS H 19 14.98 -10.62 12.53
CA CYS H 19 16.07 -10.82 11.57
C CYS H 19 15.47 -11.33 10.27
N HIS H 20 15.59 -10.54 9.21
CA HIS H 20 15.07 -10.90 7.90
C HIS H 20 16.23 -11.33 7.01
N PHE H 21 16.10 -12.51 6.41
CA PHE H 21 17.15 -13.11 5.59
C PHE H 21 16.67 -13.27 4.14
N PHE H 22 17.55 -12.93 3.21
CA PHE H 22 17.29 -12.99 1.77
C PHE H 22 18.46 -13.71 1.09
N ASN H 23 18.13 -14.71 0.26
CA ASN H 23 19.10 -15.55 -0.45
C ASN H 23 20.03 -16.27 0.52
N GLY H 24 19.44 -17.02 1.45
CA GLY H 24 20.23 -17.60 2.51
C GLY H 24 20.55 -16.50 3.49
N THR H 25 21.82 -16.07 3.50
CA THR H 25 22.25 -14.93 4.29
C THR H 25 22.95 -13.87 3.43
N GLU H 26 22.68 -13.86 2.12
CA GLU H 26 23.27 -12.84 1.27
C GLU H 26 22.86 -11.44 1.71
N ARG H 27 21.59 -11.27 2.06
N ARG H 27 21.58 -11.26 2.05
CA ARG H 27 21.06 -10.00 2.57
CA ARG H 27 21.08 -10.00 2.58
C ARG H 27 20.42 -10.25 3.93
C ARG H 27 20.44 -10.26 3.93
N VAL H 28 20.79 -9.46 4.93
CA VAL H 28 20.22 -9.59 6.27
C VAL H 28 19.85 -8.21 6.78
N ARG H 29 18.64 -8.09 7.32
CA ARG H 29 18.17 -6.84 7.90
C ARG H 29 17.64 -7.08 9.31
N LEU H 30 18.19 -6.33 10.26
CA LEU H 30 17.75 -6.38 11.65
C LEU H 30 16.77 -5.25 11.93
N LEU H 31 15.71 -5.58 12.67
CA LEU H 31 14.67 -4.62 13.01
C LEU H 31 14.36 -4.76 14.50
N GLU H 32 14.74 -3.77 15.30
CA GLU H 32 14.38 -3.72 16.70
C GLU H 32 13.16 -2.83 16.86
N ARG H 33 12.12 -3.31 17.53
CA ARG H 33 10.85 -2.61 17.62
C ARG H 33 10.36 -2.59 19.06
N CYS H 34 10.00 -1.41 19.55
CA CYS H 34 9.39 -1.23 20.86
C CYS H 34 7.92 -0.88 20.67
N ILE H 35 7.03 -1.65 21.29
CA ILE H 35 5.60 -1.46 21.13
C ILE H 35 4.97 -1.26 22.51
N TYR H 36 4.35 -0.10 22.70
CA TYR H 36 3.56 0.13 23.91
C TYR H 36 2.10 -0.20 23.59
N ASN H 37 1.51 -1.06 24.41
CA ASN H 37 0.17 -1.60 24.17
C ASN H 37 0.10 -2.25 22.80
N GLN H 38 -0.42 -1.55 21.80
CA GLN H 38 -0.50 -2.08 20.44
C GLN H 38 0.16 -1.13 19.43
N GLU H 39 0.91 -0.15 19.90
CA GLU H 39 1.46 0.91 19.06
C GLU H 39 2.98 0.88 19.15
N GLU H 40 3.65 0.70 18.01
CA GLU H 40 5.10 0.75 17.93
C GLU H 40 5.58 2.18 18.13
N SER H 41 6.47 2.39 19.10
CA SER H 41 6.94 3.74 19.43
C SER H 41 8.28 4.08 18.81
N VAL H 42 9.23 3.15 18.81
CA VAL H 42 10.56 3.42 18.28
C VAL H 42 11.10 2.14 17.66
N ARG H 43 11.89 2.29 16.61
CA ARG H 43 12.48 1.15 15.92
C ARG H 43 13.90 1.47 15.48
N PHE H 44 14.73 0.43 15.41
CA PHE H 44 16.04 0.50 14.79
C PHE H 44 16.02 -0.39 13.56
N ASP H 45 16.23 0.21 12.39
CA ASP H 45 16.29 -0.50 11.13
C ASP H 45 17.74 -0.49 10.67
N SER H 46 18.32 -1.69 10.52
CA SER H 46 19.73 -1.78 10.10
C SER H 46 19.96 -1.15 8.75
N ASP H 47 18.94 -1.09 7.90
CA ASP H 47 19.04 -0.40 6.63
C ASP H 47 19.02 1.13 6.78
N VAL H 48 18.60 1.62 7.94
CA VAL H 48 18.60 3.05 8.24
C VAL H 48 19.83 3.45 9.04
N GLY H 49 20.25 2.62 9.98
CA GLY H 49 21.48 2.84 10.73
C GLY H 49 21.31 3.50 12.07
N GLU H 50 20.10 3.96 12.40
CA GLU H 50 19.90 4.64 13.67
C GLU H 50 18.48 4.42 14.14
N TYR H 51 18.24 4.67 15.42
CA TYR H 51 16.89 4.60 15.95
C TYR H 51 16.04 5.74 15.37
N ARG H 52 14.79 5.41 15.07
CA ARG H 52 13.80 6.38 14.63
C ARG H 52 12.52 6.20 15.42
N ALA H 53 11.86 7.32 15.74
CA ALA H 53 10.61 7.27 16.48
C ALA H 53 9.46 7.05 15.51
N VAL H 54 8.60 6.08 15.83
CA VAL H 54 7.43 5.78 15.02
C VAL H 54 6.24 6.62 15.47
N THR H 55 6.04 6.74 16.77
CA THR H 55 5.07 7.63 17.38
C THR H 55 5.78 8.72 18.16
N GLU H 56 5.00 9.71 18.60
CA GLU H 56 5.56 10.77 19.43
C GLU H 56 6.07 10.20 20.75
N LEU H 57 5.34 9.21 21.30
CA LEU H 57 5.73 8.58 22.56
C LEU H 57 7.17 8.08 22.54
N GLY H 58 7.71 7.83 21.35
CA GLY H 58 9.05 7.28 21.22
C GLY H 58 10.14 8.29 20.94
N ARG H 59 9.78 9.57 20.69
CA ARG H 59 10.81 10.56 20.38
C ARG H 59 11.90 10.68 21.45
N PRO H 60 11.59 10.75 22.76
CA PRO H 60 12.70 10.82 23.74
C PRO H 60 13.66 9.65 23.66
N ASP H 61 13.16 8.42 23.51
CA ASP H 61 14.06 7.27 23.42
C ASP H 61 14.92 7.34 22.15
N ALA H 62 14.28 7.50 20.99
CA ALA H 62 15.01 7.56 19.73
C ALA H 62 16.15 8.56 19.80
N GLU H 63 15.91 9.73 20.41
CA GLU H 63 16.99 10.70 20.59
C GLU H 63 18.03 10.18 21.58
N TYR H 64 17.58 9.80 22.78
CA TYR H 64 18.49 9.35 23.84
C TYR H 64 19.38 8.21 23.34
N TRP H 65 18.77 7.19 22.75
CA TRP H 65 19.55 6.06 22.23
C TRP H 65 20.46 6.50 21.10
N ASN H 66 20.00 7.42 20.26
CA ASN H 66 20.86 7.84 19.15
C ASN H 66 22.02 8.71 19.62
N SER H 67 22.07 9.07 20.91
CA SER H 67 23.24 9.76 21.43
C SER H 67 24.31 8.82 21.98
N GLN H 68 23.96 7.54 22.20
CA GLN H 68 24.91 6.53 22.68
C GLN H 68 25.59 5.87 21.48
N LYS H 69 26.83 6.28 21.18
CA LYS H 69 27.51 5.78 19.99
C LYS H 69 27.87 4.31 20.08
N ASP H 70 28.21 3.82 21.28
CA ASP H 70 28.50 2.40 21.43
C ASP H 70 27.29 1.55 21.10
N LEU H 71 26.11 1.97 21.55
CA LEU H 71 24.88 1.27 21.22
C LEU H 71 24.67 1.20 19.71
N LEU H 72 24.89 2.31 19.00
CA LEU H 72 24.70 2.28 17.56
C LEU H 72 25.73 1.36 16.90
N GLU H 73 26.96 1.33 17.42
CA GLU H 73 27.98 0.45 16.84
C GLU H 73 27.59 -1.02 17.03
N GLN H 74 27.20 -1.38 18.25
CA GLN H 74 26.81 -2.76 18.53
C GLN H 74 25.57 -3.16 17.76
N ARG H 75 24.58 -2.27 17.65
CA ARG H 75 23.37 -2.60 16.93
C ARG H 75 23.61 -2.70 15.43
N ARG H 76 24.54 -1.89 14.89
CA ARG H 76 24.86 -2.01 13.47
C ARG H 76 25.67 -3.26 13.18
N ALA H 77 26.41 -3.75 14.17
CA ALA H 77 27.16 -5.00 14.02
C ALA H 77 26.34 -6.23 14.39
N ALA H 78 25.17 -6.05 15.00
CA ALA H 78 24.35 -7.19 15.37
C ALA H 78 23.85 -7.98 14.16
N VAL H 79 23.80 -7.35 12.98
CA VAL H 79 23.40 -8.06 11.78
C VAL H 79 24.35 -9.22 11.48
N ASP H 80 25.57 -9.21 12.03
CA ASP H 80 26.50 -10.33 11.97
C ASP H 80 26.67 -11.04 13.31
N THR H 81 26.77 -10.29 14.41
CA THR H 81 27.00 -10.93 15.71
C THR H 81 25.75 -11.60 16.26
N TYR H 82 24.58 -11.27 15.71
CA TYR H 82 23.31 -11.77 16.24
C TYR H 82 22.51 -12.51 15.19
N CYS H 83 22.16 -11.88 14.07
CA CYS H 83 21.28 -12.53 13.10
C CYS H 83 21.97 -13.70 12.41
N ARG H 84 23.11 -13.45 11.78
CA ARG H 84 23.80 -14.52 11.06
C ARG H 84 24.27 -15.62 12.00
N HIS H 85 24.69 -15.28 13.21
CA HIS H 85 25.09 -16.28 14.17
C HIS H 85 23.94 -17.21 14.52
N ASN H 86 22.76 -16.65 14.80
CA ASN H 86 21.61 -17.47 15.15
C ASN H 86 21.15 -18.30 13.96
N TYR H 87 21.19 -17.73 12.76
CA TYR H 87 20.88 -18.48 11.55
C TYR H 87 21.77 -19.71 11.44
N GLY H 88 23.08 -19.52 11.69
CA GLY H 88 23.99 -20.65 11.66
C GLY H 88 23.74 -21.66 12.76
N VAL H 89 23.36 -21.18 13.94
CA VAL H 89 23.11 -22.09 15.06
C VAL H 89 21.90 -22.96 14.79
N GLY H 90 20.89 -22.43 14.10
CA GLY H 90 19.65 -23.16 13.96
C GLY H 90 19.34 -23.70 12.57
N GLU H 91 20.26 -23.49 11.62
CA GLU H 91 20.02 -23.93 10.24
C GLU H 91 19.69 -25.41 10.14
N SER H 92 20.33 -26.26 10.96
CA SER H 92 20.21 -27.70 10.78
C SER H 92 18.77 -28.18 10.99
N PHE H 93 18.04 -27.57 11.93
CA PHE H 93 16.69 -28.00 12.25
C PHE H 93 15.63 -26.96 11.89
N THR H 94 15.99 -25.89 11.18
CA THR H 94 15.01 -24.90 10.73
C THR H 94 15.03 -24.77 9.22
N VAL H 95 16.06 -24.14 8.65
CA VAL H 95 16.12 -23.96 7.20
C VAL H 95 16.21 -25.30 6.48
N GLN H 96 16.75 -26.32 7.16
CA GLN H 96 16.98 -27.63 6.57
C GLN H 96 15.91 -28.64 6.98
N ARG H 97 14.90 -28.22 7.74
CA ARG H 97 13.85 -29.14 8.15
C ARG H 97 13.00 -29.54 6.95
N ARG H 98 12.82 -30.84 6.74
CA ARG H 98 12.03 -31.36 5.62
C ARG H 98 11.16 -32.47 6.16
N VAL H 99 9.84 -32.28 6.13
CA VAL H 99 8.89 -33.32 6.51
C VAL H 99 7.95 -33.58 5.34
N GLU H 100 7.82 -34.85 4.95
CA GLU H 100 7.03 -35.25 3.79
C GLU H 100 5.55 -35.21 4.13
N PRO H 101 4.71 -34.68 3.24
CA PRO H 101 3.28 -34.63 3.53
C PRO H 101 2.62 -35.98 3.31
N LYS H 102 1.61 -36.25 4.12
CA LYS H 102 0.74 -37.40 3.90
C LYS H 102 -0.48 -36.89 3.13
N VAL H 103 -0.80 -37.56 2.02
CA VAL H 103 -1.85 -37.11 1.11
C VAL H 103 -2.97 -38.14 1.14
N THR H 104 -4.17 -37.69 1.45
CA THR H 104 -5.37 -38.52 1.43
C THR H 104 -6.41 -37.86 0.54
N VAL H 105 -7.22 -38.67 -0.13
CA VAL H 105 -8.32 -38.15 -0.95
C VAL H 105 -9.61 -38.86 -0.54
N TYR H 106 -10.64 -38.09 -0.24
CA TYR H 106 -11.89 -38.68 0.21
C TYR H 106 -13.05 -37.80 -0.22
N PRO H 107 -14.23 -38.37 -0.48
CA PRO H 107 -15.40 -37.53 -0.76
C PRO H 107 -15.94 -36.89 0.51
N SER H 108 -16.31 -35.62 0.39
CA SER H 108 -16.78 -34.86 1.55
C SER H 108 -18.03 -35.48 2.18
N LYS H 109 -19.04 -35.76 1.38
CA LYS H 109 -20.29 -36.34 1.87
C LYS H 109 -20.44 -37.76 1.35
N THR H 110 -20.82 -38.67 2.24
CA THR H 110 -21.16 -40.03 1.83
C THR H 110 -22.55 -40.00 1.20
N GLN H 111 -22.61 -40.21 -0.11
CA GLN H 111 -23.83 -40.09 -0.88
C GLN H 111 -23.71 -41.01 -2.09
N PRO H 112 -24.81 -41.26 -2.79
CA PRO H 112 -24.71 -42.00 -4.05
C PRO H 112 -24.06 -41.14 -5.13
N LEU H 113 -23.76 -41.79 -6.25
CA LEU H 113 -23.08 -41.12 -7.36
C LEU H 113 -24.04 -40.25 -8.17
N GLN H 114 -23.48 -39.54 -9.15
CA GLN H 114 -24.17 -38.62 -10.05
C GLN H 114 -24.78 -37.41 -9.35
N HIS H 115 -24.43 -37.14 -8.10
CA HIS H 115 -24.83 -35.93 -7.40
C HIS H 115 -23.59 -35.10 -7.09
N HIS H 116 -23.79 -33.78 -6.95
CA HIS H 116 -22.65 -32.90 -6.70
C HIS H 116 -21.98 -33.25 -5.38
N ASN H 117 -20.66 -33.28 -5.41
CA ASN H 117 -19.87 -33.61 -4.24
C ASN H 117 -18.58 -32.82 -4.24
N LEU H 118 -17.95 -32.77 -3.07
CA LEU H 118 -16.66 -32.13 -2.87
C LEU H 118 -15.63 -33.22 -2.64
N LEU H 119 -14.68 -33.35 -3.56
CA LEU H 119 -13.56 -34.27 -3.41
C LEU H 119 -12.47 -33.54 -2.64
N VAL H 120 -12.07 -34.09 -1.50
CA VAL H 120 -11.11 -33.44 -0.63
C VAL H 120 -9.76 -34.11 -0.80
N CYS H 121 -8.75 -33.30 -1.10
CA CYS H 121 -7.34 -33.71 -1.03
C CYS H 121 -6.77 -33.06 0.22
N SER H 122 -6.46 -33.89 1.21
CA SER H 122 -5.87 -33.44 2.46
C SER H 122 -4.37 -33.72 2.41
N VAL H 123 -3.55 -32.67 2.51
CA VAL H 123 -2.11 -32.81 2.61
C VAL H 123 -1.71 -32.34 3.99
N SER H 124 -1.24 -33.26 4.84
CA SER H 124 -1.05 -32.96 6.24
C SER H 124 0.35 -33.32 6.71
N GLY H 125 0.83 -32.56 7.71
CA GLY H 125 2.05 -32.90 8.42
C GLY H 125 3.35 -32.58 7.72
N PHE H 126 3.36 -31.58 6.84
CA PHE H 126 4.54 -31.30 6.03
C PHE H 126 5.24 -30.02 6.50
N TYR H 127 6.54 -29.95 6.23
CA TYR H 127 7.39 -28.80 6.51
C TYR H 127 8.51 -28.81 5.48
N PRO H 128 8.83 -27.67 4.86
CA PRO H 128 8.27 -26.35 5.13
C PRO H 128 6.92 -26.14 4.43
N GLY H 129 6.43 -24.90 4.40
CA GLY H 129 5.08 -24.66 3.96
C GLY H 129 4.85 -24.51 2.47
N SER H 130 5.89 -24.31 1.67
CA SER H 130 5.71 -24.17 0.23
C SER H 130 5.29 -25.50 -0.37
N ILE H 131 4.11 -25.53 -1.00
CA ILE H 131 3.55 -26.76 -1.55
C ILE H 131 2.68 -26.40 -2.75
N GLU H 132 2.48 -27.37 -3.63
CA GLU H 132 1.62 -27.18 -4.80
C GLU H 132 0.69 -28.37 -4.93
N VAL H 133 -0.61 -28.09 -4.99
CA VAL H 133 -1.64 -29.12 -5.09
C VAL H 133 -2.45 -28.85 -6.33
N ARG H 134 -2.64 -29.89 -7.16
CA ARG H 134 -3.37 -29.76 -8.41
C ARG H 134 -4.35 -30.92 -8.53
N TRP H 135 -5.50 -30.65 -9.13
CA TRP H 135 -6.51 -31.67 -9.39
C TRP H 135 -6.52 -32.06 -10.86
N PHE H 136 -6.79 -33.33 -11.12
CA PHE H 136 -6.89 -33.84 -12.48
C PHE H 136 -8.11 -34.75 -12.59
N ARG H 137 -8.85 -34.61 -13.68
CA ARG H 137 -9.92 -35.53 -14.03
C ARG H 137 -9.54 -36.23 -15.32
N ASN H 138 -9.36 -37.54 -15.23
CA ASN H 138 -9.03 -38.39 -16.38
C ASN H 138 -7.78 -37.87 -17.10
N GLY H 139 -6.82 -37.36 -16.33
CA GLY H 139 -5.57 -36.86 -16.86
C GLY H 139 -5.52 -35.40 -17.25
N GLN H 140 -6.65 -34.69 -17.26
CA GLN H 140 -6.65 -33.28 -17.58
C GLN H 140 -6.80 -32.42 -16.32
N GLU H 141 -5.99 -31.37 -16.23
CA GLU H 141 -5.97 -30.54 -15.02
C GLU H 141 -7.25 -29.73 -14.87
N GLU H 142 -7.87 -29.84 -13.71
CA GLU H 142 -9.03 -29.05 -13.35
C GLU H 142 -8.55 -27.81 -12.62
N LYS H 143 -8.67 -26.64 -13.25
CA LYS H 143 -8.31 -25.39 -12.60
C LYS H 143 -9.54 -24.59 -12.18
N ALA H 144 -10.71 -25.21 -12.21
CA ALA H 144 -11.97 -24.55 -11.87
C ALA H 144 -12.68 -25.36 -10.80
N GLY H 145 -13.43 -24.66 -9.95
CA GLY H 145 -14.13 -25.34 -8.88
C GLY H 145 -13.23 -25.87 -7.78
N VAL H 146 -12.05 -25.28 -7.61
CA VAL H 146 -11.13 -25.69 -6.56
C VAL H 146 -11.27 -24.72 -5.40
N VAL H 147 -11.61 -25.25 -4.23
CA VAL H 147 -11.82 -24.48 -3.01
C VAL H 147 -10.75 -24.93 -2.04
N SER H 148 -9.84 -24.04 -1.69
CA SER H 148 -8.72 -24.40 -0.84
C SER H 148 -8.80 -23.65 0.48
N THR H 149 -8.33 -24.29 1.54
CA THR H 149 -8.21 -23.61 2.82
C THR H 149 -6.97 -22.75 2.89
N GLY H 150 -6.00 -22.99 2.00
CA GLY H 150 -4.73 -22.32 2.10
C GLY H 150 -3.81 -23.04 3.04
N LEU H 151 -2.66 -22.41 3.29
CA LEU H 151 -1.68 -22.98 4.20
C LEU H 151 -2.14 -22.77 5.64
N ILE H 152 -2.22 -23.87 6.40
CA ILE H 152 -2.59 -23.82 7.81
C ILE H 152 -1.36 -24.18 8.64
N GLN H 153 -0.94 -23.26 9.50
CA GLN H 153 0.18 -23.51 10.41
C GLN H 153 -0.36 -24.13 11.69
N ASN H 154 0.07 -25.36 11.97
CA ASN H 154 -0.45 -26.09 13.12
C ASN H 154 0.20 -25.68 14.44
N GLY H 155 1.33 -24.98 14.41
CA GLY H 155 2.01 -24.58 15.62
C GLY H 155 2.97 -25.61 16.17
N ASP H 156 3.08 -26.77 15.54
CA ASP H 156 4.01 -27.82 15.95
C ASP H 156 5.05 -28.06 14.86
N TRP H 157 5.37 -27.01 14.11
CA TRP H 157 6.33 -27.08 13.01
C TRP H 157 5.85 -28.02 11.90
N THR H 158 4.54 -28.08 11.69
CA THR H 158 3.95 -28.80 10.57
C THR H 158 2.84 -27.95 9.96
N PHE H 159 2.58 -28.18 8.67
CA PHE H 159 1.53 -27.49 7.94
C PHE H 159 0.52 -28.51 7.42
N GLN H 160 -0.68 -28.00 7.12
CA GLN H 160 -1.69 -28.82 6.46
C GLN H 160 -2.48 -27.94 5.51
N THR H 161 -3.13 -28.60 4.55
CA THR H 161 -3.99 -27.91 3.59
C THR H 161 -5.09 -28.87 3.15
N LEU H 162 -6.28 -28.31 2.95
CA LEU H 162 -7.40 -29.01 2.33
C LEU H 162 -7.69 -28.32 1.01
N VAL H 163 -7.53 -29.04 -0.10
CA VAL H 163 -7.89 -28.54 -1.42
C VAL H 163 -9.02 -29.40 -1.95
N MET H 164 -10.16 -28.80 -2.23
CA MET H 164 -11.36 -29.54 -2.57
C MET H 164 -11.79 -29.20 -3.99
N LEU H 165 -12.30 -30.21 -4.69
CA LEU H 165 -12.73 -30.07 -6.07
C LEU H 165 -14.24 -30.28 -6.12
N GLU H 166 -14.94 -29.34 -6.74
CA GLU H 166 -16.37 -29.49 -6.98
C GLU H 166 -16.57 -30.40 -8.18
N THR H 167 -17.26 -31.52 -7.98
CA THR H 167 -17.42 -32.50 -9.05
C THR H 167 -18.85 -33.01 -9.04
N VAL H 168 -19.25 -33.53 -10.19
CA VAL H 168 -20.46 -34.34 -10.31
C VAL H 168 -19.99 -35.72 -10.75
N PRO H 169 -19.68 -36.60 -9.80
CA PRO H 169 -19.00 -37.86 -10.15
C PRO H 169 -19.89 -38.77 -11.00
N ARG H 170 -19.31 -39.29 -12.07
CA ARG H 170 -19.93 -40.32 -12.90
C ARG H 170 -19.09 -41.58 -12.79
N SER H 171 -19.78 -42.73 -12.76
CA SER H 171 -19.08 -44.00 -12.56
C SER H 171 -18.03 -44.21 -13.64
N GLY H 172 -16.84 -44.66 -13.21
CA GLY H 172 -15.72 -44.84 -14.10
C GLY H 172 -14.74 -43.68 -14.12
N GLU H 173 -15.16 -42.50 -13.68
CA GLU H 173 -14.26 -41.35 -13.66
C GLU H 173 -13.15 -41.57 -12.64
N VAL H 174 -11.95 -41.13 -12.99
CA VAL H 174 -10.78 -41.22 -12.11
C VAL H 174 -10.28 -39.82 -11.85
N TYR H 175 -10.29 -39.41 -10.58
CA TYR H 175 -9.77 -38.13 -10.17
C TYR H 175 -8.41 -38.33 -9.49
N THR H 176 -7.49 -37.39 -9.71
CA THR H 176 -6.13 -37.52 -9.21
C THR H 176 -5.67 -36.22 -8.58
N CYS H 177 -5.10 -36.30 -7.38
CA CYS H 177 -4.51 -35.18 -6.69
C CYS H 177 -2.99 -35.31 -6.78
N GLN H 178 -2.34 -34.27 -7.29
CA GLN H 178 -0.90 -34.22 -7.47
C GLN H 178 -0.32 -33.16 -6.55
N VAL H 179 0.65 -33.55 -5.74
CA VAL H 179 1.25 -32.70 -4.72
C VAL H 179 2.75 -32.61 -4.97
N GLU H 180 3.28 -31.40 -4.91
CA GLU H 180 4.71 -31.16 -5.05
C GLU H 180 5.21 -30.39 -3.84
N HIS H 181 6.22 -30.92 -3.18
CA HIS H 181 6.78 -30.39 -1.97
C HIS H 181 8.29 -30.56 -2.04
N PRO H 182 9.06 -29.63 -1.44
CA PRO H 182 10.53 -29.76 -1.47
C PRO H 182 11.08 -31.04 -0.84
N SER H 183 10.24 -31.84 -0.17
CA SER H 183 10.71 -33.05 0.49
C SER H 183 10.64 -34.28 -0.41
N VAL H 184 10.13 -34.15 -1.63
CA VAL H 184 9.99 -35.28 -2.54
C VAL H 184 10.62 -34.92 -3.87
N THR H 185 11.30 -35.90 -4.48
CA THR H 185 11.94 -35.70 -5.77
C THR H 185 10.94 -35.75 -6.91
N SER H 186 9.96 -36.66 -6.81
CA SER H 186 8.88 -36.85 -7.76
C SER H 186 7.55 -36.45 -7.15
N PRO H 187 6.60 -35.97 -7.95
CA PRO H 187 5.29 -35.59 -7.41
C PRO H 187 4.59 -36.76 -6.74
N LEU H 188 3.90 -36.46 -5.65
CA LEU H 188 3.04 -37.44 -4.99
C LEU H 188 1.67 -37.43 -5.63
N THR H 189 1.13 -38.61 -5.87
CA THR H 189 -0.12 -38.74 -6.61
C THR H 189 -1.06 -39.70 -5.88
N VAL H 190 -2.27 -39.24 -5.59
CA VAL H 190 -3.31 -40.11 -5.03
C VAL H 190 -4.55 -40.00 -5.89
N GLU H 191 -5.15 -41.13 -6.23
CA GLU H 191 -6.32 -41.14 -7.11
C GLU H 191 -7.53 -41.69 -6.38
N TRP H 192 -8.70 -41.27 -6.85
CA TRP H 192 -10.01 -41.66 -6.34
C TRP H 192 -10.87 -42.10 -7.52
N ARG H 193 -11.45 -43.28 -7.41
CA ARG H 193 -12.26 -43.87 -8.47
C ARG H 193 -13.73 -43.75 -8.11
N ALA H 194 -14.50 -43.15 -9.01
CA ALA H 194 -15.92 -42.96 -8.78
C ALA H 194 -16.66 -44.29 -8.79
N THR I 1 26.80 -28.72 21.18
CA THR I 1 25.71 -27.88 20.70
C THR I 1 26.15 -26.41 20.66
N GLN I 2 25.66 -25.68 19.66
CA GLN I 2 25.98 -24.27 19.53
C GLN I 2 25.12 -23.42 20.45
N LEU I 3 25.62 -22.22 20.77
CA LEU I 3 24.96 -21.33 21.72
C LEU I 3 24.19 -20.25 20.96
N ASN I 4 22.91 -20.10 21.32
CA ASN I 4 22.03 -19.11 20.71
C ASN I 4 22.15 -17.79 21.48
N ARG I 5 22.30 -16.70 20.74
CA ARG I 5 22.51 -15.37 21.33
C ARG I 5 21.22 -14.57 21.39
N ALA I 6 21.15 -13.64 22.35
CA ALA I 6 19.98 -12.79 22.51
C ALA I 6 20.41 -11.34 22.72
N LEU I 7 19.77 -10.42 22.00
CA LEU I 7 19.97 -9.01 22.29
C LEU I 7 19.14 -8.60 23.49
N THR I 8 19.55 -7.51 24.14
CA THR I 8 18.86 -7.00 25.31
C THR I 8 18.37 -5.59 25.06
N GLY I 9 17.22 -5.25 25.65
CA GLY I 9 16.68 -3.92 25.49
C GLY I 9 17.46 -2.89 26.28
N ILE I 10 17.41 -1.65 25.79
CA ILE I 10 18.12 -0.55 26.40
C ILE I 10 17.15 0.16 27.34
N ALA I 11 17.67 0.68 28.45
CA ALA I 11 16.84 1.44 29.36
C ALA I 11 16.26 2.65 28.62
N VAL I 12 14.99 2.88 28.87
CA VAL I 12 14.25 3.94 28.18
C VAL I 12 14.56 5.28 28.85
N GLU I 13 14.48 6.36 28.08
CA GLU I 13 14.73 7.69 28.62
C GLU I 13 13.74 8.03 29.72
N GLN I 14 14.26 8.24 30.93
CA GLN I 14 13.44 8.61 32.07
C GLN I 14 13.27 10.12 32.13
N ASP I 15 12.19 10.56 32.79
CA ASP I 15 11.76 11.97 32.88
C ASP I 15 11.12 12.44 31.58
C1 EDO J . 5.98 7.95 7.03
O1 EDO J . 6.24 8.11 8.44
C2 EDO J . 5.03 6.78 6.82
O2 EDO J . 4.65 6.73 5.44
C1 EDO K . 0.15 -0.86 6.73
O1 EDO K . -0.96 -1.67 6.29
C2 EDO K . 0.35 0.32 5.78
O2 EDO K . 1.57 0.98 6.12
C1 EDO L . -20.22 17.56 27.14
O1 EDO L . -19.34 17.52 26.02
C2 EDO L . -20.50 19.01 27.49
O2 EDO L . -20.98 19.69 26.32
C1 EDO M . -21.84 15.82 31.76
O1 EDO M . -21.99 15.04 32.96
C2 EDO M . -20.65 15.27 31.00
O2 EDO M . -20.45 16.01 29.79
C1 EDO N . -32.47 -8.06 26.22
O1 EDO N . -33.29 -7.95 27.38
C2 EDO N . -31.05 -7.61 26.50
O2 EDO N . -30.37 -8.55 27.33
C1 EDO O . -4.60 21.40 -10.69
O1 EDO O . -6.02 21.44 -10.82
C2 EDO O . -4.22 20.72 -9.38
O2 EDO O . -4.75 19.40 -9.35
C1 EDO P . 9.61 -4.88 -30.05
O1 EDO P . 9.51 -4.58 -31.45
C2 EDO P . 10.78 -5.83 -29.79
O2 EDO P . 10.74 -6.28 -28.44
C1 EDO Q . 22.96 45.82 -32.55
O1 EDO Q . 24.02 45.54 -31.63
C2 EDO Q . 22.09 46.93 -31.98
O2 EDO Q . 22.88 48.10 -31.75
C1 EDO R . 22.49 3.21 -18.02
O1 EDO R . 21.68 2.34 -17.23
C2 EDO R . 21.81 4.57 -18.11
O2 EDO R . 22.48 5.36 -19.10
C1 EDO S . -15.94 -16.05 15.93
O1 EDO S . -16.37 -15.46 14.70
C2 EDO S . -14.42 -16.00 16.01
O2 EDO S . -13.87 -16.77 14.93
#